data_7ELD
#
_entry.id   7ELD
#
_cell.length_a   1.00
_cell.length_b   1.00
_cell.length_c   1.00
_cell.angle_alpha   90.00
_cell.angle_beta   90.00
_cell.angle_gamma   90.00
#
_symmetry.space_group_name_H-M   'P 1'
#
loop_
_entity.id
_entity.type
_entity.pdbx_description
1 polymer 'Endoribonuclease Dicer homolog 1'
2 polymer 'pri-miRNA 166f'
#
loop_
_entity_poly.entity_id
_entity_poly.type
_entity_poly.pdbx_seq_one_letter_code
_entity_poly.pdbx_strand_id
1 'polypeptide(L)'
;MVMEDEPREATIKPSYWLDACEDISCDLIDDLVSEFDPSSVAVNESTDENGVINDFFGGIDHILDSIKNGGGLPNNGVSD
TNSQINEVTVTPQVIAKETVKENGLQKNGGKRDEFSKEEGDKDRKRARVCSYQSERSNLSGRGHVNNSREGDRFMNRKRT
RNWDEAGNNKKKRECNNYRRDGRDREVRGYWERDKVGSNELVYRSGTWEADHERDVKKVSGGNRECDVKAEENKSKPEER
KEKVVEEQARRYQLDVLEQAKAKNTIAFLETGAGKTLIAILLIKSVHKDLMSQNRKMLSVFLVPKVPLVYQQAEVIRNQT
CFQVGHYCGEMGQDFWDSRRWQREFESKQVLVMTAQILLNILRHSIIRMETIDLLILDECHHAVKKHPYSLVMSEFYHTT
PKDKRPAIFGMTASPVNLKGVSSQVDCAIKIRNLETKLDSTVCTIKDRKELEKHVPMPSEIVVEYDKAATMWSLHETIKQ
MIAAVEEAAQASSRKSKWQFMGARDAGAKDELRQVYGVSERTESDGAANLIHKLRAINYTLAELGQWCAYKVGQSFLSAL
QSDERVNFQVDVKFQESYLSEVVSLLQCELLEGAAAEKVAAEVGKPENGNAHDEMEEGELPDDPVVSGGEHVDEVIGAAV
ADGKVTPKVQSLIKLLLKYQHTADFRAIVFVERVVAALVLPKVFAELPSLSFIRCASMIGHNNSQEMKSSQMQDTISKFR
DGHVTLLVATSVAEEGLDIRQCNVVMRFDLAKTVLAYIQSRGRARKPGSDYILMVERGNVSHAAFLRNARNSEETLRKEA
IERTDLSHLKDTSRLISIDAVPGTVYKVEATGAMVSLNSAVGLVHFYCSQLPGDRYAILRPEFSMEKHEKPGGHTEYSCR
LQLPCNAPFEILEGPVCSSMRLAQQAVCLAACKKLHEMGAFTDMLLPDKGSGQDAEKADQDDEGEPVPGTARHREFYPEG
VADVLKGEWVSSGKEVCESSKLFHLYMYNVRCVDFGSSKDPFLSEVSEFAILFGNELDAEVLSMSMDLYVARAMITKASL
AFKGSLDITENQLSSLKKFHVRLMSIVLDVDVEPSTTPWDPAKAYLFVPVTDNTSMEPIKGINWELVEKITKTTAWDNPL
QRARPDVYLGTNERTLGGDRREYGFGKLRHNIVFGQKSHPTYGIRGAVASFDVVRASGLLPVRDAFEKEVEEDLSKGKLM
MADGCMVAEDLIGKIVTAAHSGKRFYVDSICYDMSAETSFPRKEGYLGPLEYNTYADYYKQKYGVDLNCKQQPLIKGRGV
SYCKNLLSPRFEQSGESETVLDKTYYVFLPPELCVVHPLSGSLIRGAQRLPSIMRRVESMLLAVQLKNLISYPIPTSKIL
EALTAASCQETFCYERAELLGDAYLKWVVSRFLFLKYPQKHEGQLTRMRQQMVSNMVLYQFALVKGLQSYIQADRFAPSR
WSAPGVPPVFDEDTKDGGSSFFDEEQKPVSEENSDVFEDGEMEDGELEGDLSSYRVLSSKTLADVVEALIGVYYVEGGKI
AANHLMKWIGIHVEDDPDEVDGTLKNVNVPESVLKSIDFVGLERALKYEFKEKGLLVEAITHASRPSSGVSCYQRLEFVG
DAVLDHLITRHLFFTYTSLPPGRLTDLRAAAVNNENFARVAVKHKLHLYLRHGSSALEKQIREFVKEVQTESSKPGFNSF
GLGDCKAPKVLGDIVESIAGAIFLDSGKDTTAAWKVFQPLLQPMVTPETLPMHPVRELQERCQQQAEGLEYKASRSGNTA
TVEVFIDGVQVGVAQNPQKKMAQKLAARNALAALKEKEIAESKEKHINNGNAGEDQGENENGNKKNGHQPFTRQTLNDIC
LRKNWPMPSYRCVKEGGPAHAKRFTFGVRVNTSDRGWTDECIGEPMPSVKKAKDSAAVLLLELLNKTFS
;
A
2 'polyribonucleotide'
;GUCUUUCUGAGCCAAAAGUUCAGGUGAAUGAUGCCUGGCUCGAGACCAUUCAAUCUCAUGAUCUCAUGAUUAUAACGAUG
AUGAUGAUGAUGUCGGACCAGGCUUCAUUCCCCUCAACUUACACGUUUUGCUUCUCAAUCUUCAAGAC
;
B
#
loop_
_chem_comp.id
_chem_comp.type
_chem_comp.name
_chem_comp.formula
A RNA linking ADENOSINE-5'-MONOPHOSPHATE 'C10 H14 N5 O7 P'
C RNA linking CYTIDINE-5'-MONOPHOSPHATE 'C9 H14 N3 O8 P'
G RNA linking GUANOSINE-5'-MONOPHOSPHATE 'C10 H14 N5 O8 P'
U RNA linking URIDINE-5'-MONOPHOSPHATE 'C9 H13 N2 O9 P'
#
# COMPACT_ATOMS: atom_id res chain seq x y z
N ARG A 250 -25.17 28.05 33.52
CA ARG A 250 -26.43 28.29 34.27
C ARG A 250 -26.50 27.31 35.45
N ARG A 251 -27.24 27.67 36.51
CA ARG A 251 -27.34 26.81 37.71
C ARG A 251 -27.98 25.48 37.34
N TYR A 252 -29.01 25.50 36.48
CA TYR A 252 -29.68 24.25 36.04
C TYR A 252 -28.67 23.38 35.30
N GLN A 253 -27.85 24.00 34.43
CA GLN A 253 -26.83 23.23 33.66
C GLN A 253 -25.82 22.59 34.61
N LEU A 254 -25.43 23.30 35.67
CA LEU A 254 -24.51 22.73 36.68
C LEU A 254 -25.18 21.52 37.35
N ASP A 255 -26.48 21.62 37.63
CA ASP A 255 -27.21 20.51 38.31
C ASP A 255 -27.19 19.27 37.42
N VAL A 256 -27.42 19.43 36.11
CA VAL A 256 -27.37 18.26 35.17
C VAL A 256 -25.95 17.68 35.15
N LEU A 257 -24.92 18.55 35.18
CA LEU A 257 -23.50 18.09 35.14
C LEU A 257 -23.22 17.22 36.39
N GLU A 258 -23.66 17.68 37.57
CA GLU A 258 -23.44 16.89 38.81
C GLU A 258 -24.22 15.57 38.72
N GLN A 259 -25.45 15.63 38.22
CA GLN A 259 -26.29 14.41 38.08
C GLN A 259 -25.62 13.47 37.07
N ALA A 260 -25.06 14.01 35.99
CA ALA A 260 -24.45 13.18 34.93
C ALA A 260 -23.26 12.40 35.51
N LYS A 261 -22.46 13.02 36.37
CA LYS A 261 -21.34 12.28 37.02
C LYS A 261 -21.91 11.15 37.88
N ALA A 262 -22.97 11.41 38.66
CA ALA A 262 -23.54 10.38 39.55
C ALA A 262 -24.10 9.21 38.75
N LYS A 263 -24.85 9.50 37.67
CA LYS A 263 -25.47 8.44 36.83
C LYS A 263 -25.77 9.04 35.45
N ASN A 264 -25.97 8.20 34.43
CA ASN A 264 -26.18 8.75 33.06
C ASN A 264 -27.42 9.66 33.10
N THR A 265 -27.32 10.86 32.51
CA THR A 265 -28.45 11.83 32.58
C THR A 265 -28.72 12.42 31.20
N ILE A 266 -30.00 12.67 30.89
CA ILE A 266 -30.35 13.33 29.60
C ILE A 266 -30.72 14.78 29.90
N ALA A 267 -30.10 15.74 29.22
CA ALA A 267 -30.35 17.16 29.51
C ALA A 267 -31.19 17.78 28.39
N PHE A 268 -32.28 18.44 28.74
CA PHE A 268 -33.18 19.02 27.70
C PHE A 268 -32.86 20.50 27.52
N LEU A 269 -32.46 20.89 26.30
CA LEU A 269 -32.07 22.29 26.02
C LEU A 269 -32.43 22.61 24.56
N GLU A 270 -32.42 23.88 24.18
CA GLU A 270 -32.68 24.23 22.76
C GLU A 270 -31.41 24.83 22.14
N THR A 271 -30.98 24.31 20.99
CA THR A 271 -29.77 24.83 20.28
C THR A 271 -28.55 24.75 21.21
N GLY A 272 -28.48 23.70 22.03
CA GLY A 272 -27.34 23.51 22.97
C GLY A 272 -27.37 24.47 24.15
N ALA A 273 -27.29 25.78 23.90
CA ALA A 273 -27.34 26.81 24.98
C ALA A 273 -26.27 26.49 26.04
N GLY A 274 -25.05 26.13 25.62
CA GLY A 274 -23.97 25.82 26.57
C GLY A 274 -23.94 24.36 27.00
N LYS A 275 -24.79 23.51 26.41
CA LYS A 275 -24.75 22.06 26.72
C LYS A 275 -23.39 21.48 26.28
N THR A 276 -22.85 21.96 25.15
CA THR A 276 -21.53 21.49 24.68
C THR A 276 -20.47 21.85 25.72
N LEU A 277 -20.55 23.05 26.30
CA LEU A 277 -19.57 23.48 27.35
C LEU A 277 -19.70 22.54 28.55
N ILE A 278 -20.93 22.18 28.94
CA ILE A 278 -21.15 21.27 30.09
C ILE A 278 -20.52 19.90 29.77
N ALA A 279 -20.66 19.43 28.52
CA ALA A 279 -20.05 18.14 28.11
C ALA A 279 -18.52 18.25 28.22
N ILE A 280 -17.95 19.37 27.80
CA ILE A 280 -16.47 19.58 27.91
C ILE A 280 -16.08 19.58 29.39
N LEU A 281 -16.90 20.22 30.24
CA LEU A 281 -16.62 20.25 31.69
C LEU A 281 -16.67 18.82 32.25
N LEU A 282 -17.61 18.00 31.77
CA LEU A 282 -17.72 16.58 32.22
C LEU A 282 -16.45 15.82 31.83
N ILE A 283 -15.94 16.06 30.62
CA ILE A 283 -14.69 15.38 30.16
C ILE A 283 -13.54 15.80 31.07
N LYS A 284 -13.44 17.11 31.37
CA LYS A 284 -12.37 17.60 32.28
C LYS A 284 -12.59 17.02 33.68
N SER A 285 -13.84 16.93 34.14
CA SER A 285 -14.11 16.44 35.52
C SER A 285 -13.68 14.99 35.69
N VAL A 286 -13.97 14.12 34.72
CA VAL A 286 -13.49 12.70 34.80
C VAL A 286 -11.95 12.66 34.72
N HIS A 287 -11.35 13.51 33.88
CA HIS A 287 -9.87 13.53 33.72
C HIS A 287 -9.19 13.94 35.03
N LYS A 288 -9.74 14.94 35.75
CA LYS A 288 -9.05 15.44 36.97
C LYS A 288 -9.01 14.35 38.05
N ASP A 289 -10.09 13.59 38.26
CA ASP A 289 -10.12 12.60 39.36
C ASP A 289 -9.13 11.47 39.07
N LEU A 290 -8.51 10.91 40.11
CA LEU A 290 -7.56 9.79 39.92
C LEU A 290 -8.33 8.57 39.41
N MET A 291 -7.71 7.80 38.51
CA MET A 291 -8.35 6.56 37.96
C MET A 291 -7.35 5.42 38.06
N SER A 292 -7.85 4.18 38.18
CA SER A 292 -6.95 2.99 38.26
C SER A 292 -6.14 2.89 36.97
N GLN A 293 -6.79 3.12 35.83
CA GLN A 293 -6.07 3.13 34.53
C GLN A 293 -6.31 4.50 33.89
N ASN A 294 -5.25 5.15 33.39
CA ASN A 294 -5.40 6.52 32.83
C ASN A 294 -6.34 6.45 31.62
N ARG A 295 -6.22 5.41 30.79
CA ARG A 295 -7.04 5.32 29.56
C ARG A 295 -8.36 4.59 29.82
N LYS A 296 -8.61 4.17 31.07
CA LYS A 296 -9.86 3.47 31.42
C LYS A 296 -11.06 4.40 31.20
N MET A 297 -10.94 5.67 31.59
CA MET A 297 -12.11 6.59 31.47
C MET A 297 -12.48 6.69 29.99
N LEU A 298 -11.48 6.87 29.11
CA LEU A 298 -11.73 6.86 27.64
C LEU A 298 -12.95 7.72 27.29
N SER A 299 -12.98 8.99 27.74
CA SER A 299 -14.10 9.85 27.32
C SER A 299 -14.09 9.95 25.79
N VAL A 300 -15.25 9.78 25.15
CA VAL A 300 -15.30 9.77 23.65
C VAL A 300 -16.51 10.59 23.20
N PHE A 301 -16.38 11.36 22.11
CA PHE A 301 -17.56 12.08 21.56
C PHE A 301 -17.97 11.39 20.27
N LEU A 302 -19.22 10.93 20.20
CA LEU A 302 -19.68 10.19 18.99
C LEU A 302 -20.60 11.10 18.18
N VAL A 303 -20.13 11.59 17.03
CA VAL A 303 -21.02 12.40 16.13
C VAL A 303 -20.86 11.88 14.70
N PRO A 304 -21.95 11.45 14.02
CA PRO A 304 -21.88 10.97 12.64
C PRO A 304 -21.46 12.02 11.60
N LYS A 305 -21.98 13.25 11.70
CA LYS A 305 -21.71 14.26 10.65
C LYS A 305 -20.23 14.64 10.63
N VAL A 306 -19.60 14.59 9.45
CA VAL A 306 -18.16 14.97 9.32
C VAL A 306 -17.93 16.47 9.58
N PRO A 307 -18.74 17.44 9.09
CA PRO A 307 -18.54 18.86 9.42
C PRO A 307 -18.69 19.10 10.93
N LEU A 308 -19.67 18.44 11.57
CA LEU A 308 -19.88 18.59 13.03
C LEU A 308 -18.65 18.09 13.78
N VAL A 309 -18.01 17.02 13.29
CA VAL A 309 -16.77 16.49 13.94
C VAL A 309 -15.71 17.60 13.91
N TYR A 310 -15.57 18.29 12.77
CA TYR A 310 -14.56 19.36 12.64
C TYR A 310 -14.88 20.53 13.60
N GLN A 311 -16.16 20.91 13.67
CA GLN A 311 -16.58 22.02 14.58
C GLN A 311 -16.32 21.61 16.03
N GLN A 312 -16.65 20.37 16.38
CA GLN A 312 -16.42 19.87 17.76
C GLN A 312 -14.90 19.86 18.02
N ALA A 313 -14.12 19.44 17.03
CA ALA A 313 -12.65 19.35 17.21
C ALA A 313 -12.07 20.75 17.46
N GLU A 314 -12.55 21.76 16.75
CA GLU A 314 -11.96 23.13 16.89
C GLU A 314 -12.21 23.64 18.31
N VAL A 315 -13.42 23.46 18.87
CA VAL A 315 -13.68 23.86 20.28
C VAL A 315 -12.86 22.97 21.22
N ILE A 316 -12.71 21.69 20.90
CA ILE A 316 -11.98 20.73 21.79
C ILE A 316 -10.52 21.16 21.94
N ARG A 317 -9.92 21.71 20.87
CA ARG A 317 -8.49 22.08 20.91
C ARG A 317 -8.25 23.15 21.98
N ASN A 318 -9.17 24.11 22.12
CA ASN A 318 -8.99 25.22 23.09
C ASN A 318 -8.91 24.66 24.52
N GLN A 319 -9.78 23.71 24.85
CA GLN A 319 -9.76 23.06 26.20
C GLN A 319 -9.22 21.64 26.03
N THR A 320 -9.74 20.68 26.81
CA THR A 320 -9.34 19.25 26.60
C THR A 320 -7.82 19.12 26.56
N CYS A 321 -7.13 19.45 27.66
CA CYS A 321 -5.64 19.40 27.69
C CYS A 321 -5.14 18.00 27.36
N PHE A 322 -5.87 16.96 27.77
CA PHE A 322 -5.48 15.56 27.43
C PHE A 322 -5.48 15.39 25.91
N GLN A 323 -4.59 14.54 25.38
CA GLN A 323 -4.44 14.41 23.91
C GLN A 323 -5.76 13.96 23.27
N VAL A 324 -6.08 14.51 22.08
CA VAL A 324 -7.39 14.22 21.43
C VAL A 324 -7.16 13.68 20.02
N GLY A 325 -8.05 12.79 19.55
CA GLY A 325 -7.96 12.25 18.18
C GLY A 325 -9.29 12.38 17.46
N HIS A 326 -9.28 12.61 16.14
CA HIS A 326 -10.54 12.82 15.39
C HIS A 326 -10.52 11.98 14.10
N TYR A 327 -11.70 11.55 13.62
CA TYR A 327 -11.78 10.74 12.38
C TYR A 327 -12.49 11.54 11.27
N CYS A 328 -11.85 11.68 10.11
CA CYS A 328 -12.49 12.37 8.96
C CYS A 328 -13.71 11.57 8.49
N GLY A 329 -13.59 10.24 8.45
CA GLY A 329 -14.70 9.38 8.00
C GLY A 329 -14.74 9.23 6.49
N GLU A 330 -15.71 8.49 5.96
CA GLU A 330 -15.89 8.30 4.48
C GLU A 330 -14.61 7.76 3.83
N MET A 331 -13.87 6.88 4.52
CA MET A 331 -12.67 6.25 3.92
C MET A 331 -12.79 4.73 4.06
N GLY A 332 -12.62 3.98 2.97
CA GLY A 332 -12.80 2.52 3.04
C GLY A 332 -11.53 1.81 3.48
N GLN A 333 -11.14 2.02 4.75
CA GLN A 333 -9.93 1.35 5.31
C GLN A 333 -10.26 0.77 6.69
N ASP A 334 -11.04 -0.32 6.74
CA ASP A 334 -11.47 -0.87 8.05
C ASP A 334 -10.23 -1.35 8.85
N PHE A 335 -9.28 -2.00 8.18
CA PHE A 335 -8.05 -2.49 8.86
C PHE A 335 -7.25 -1.29 9.38
N TRP A 336 -7.13 -0.24 8.56
CA TRP A 336 -6.38 0.96 8.98
C TRP A 336 -7.06 1.61 10.20
N ASP A 337 -8.39 1.66 10.20
CA ASP A 337 -9.13 2.31 11.31
C ASP A 337 -8.86 1.55 12.61
N SER A 338 -8.86 0.21 12.57
CA SER A 338 -8.58 -0.60 13.78
C SER A 338 -7.14 -0.36 14.25
N ARG A 339 -6.18 -0.32 13.32
CA ARG A 339 -4.77 -0.06 13.67
C ARG A 339 -4.66 1.36 14.26
N ARG A 340 -5.35 2.32 13.65
CA ARG A 340 -5.32 3.72 14.14
C ARG A 340 -5.90 3.77 15.56
N TRP A 341 -6.97 3.00 15.80
CA TRP A 341 -7.63 3.02 17.15
C TRP A 341 -6.65 2.52 18.21
N GLN A 342 -5.91 1.45 17.92
CA GLN A 342 -4.93 0.91 18.90
C GLN A 342 -3.84 1.94 19.16
N ARG A 343 -3.31 2.55 18.09
CA ARG A 343 -2.26 3.60 18.23
C ARG A 343 -2.85 4.79 18.98
N GLU A 344 -4.09 5.16 18.66
CA GLU A 344 -4.76 6.31 19.32
C GLU A 344 -4.94 6.01 20.80
N PHE A 345 -5.31 4.78 21.15
CA PHE A 345 -5.62 4.49 22.58
C PHE A 345 -4.38 4.79 23.43
N GLU A 346 -3.20 4.34 23.00
CA GLU A 346 -1.97 4.68 23.75
C GLU A 346 -1.64 6.17 23.62
N SER A 347 -1.67 6.72 22.41
CA SER A 347 -1.27 8.14 22.17
C SER A 347 -2.26 9.17 22.73
N LYS A 348 -3.57 8.97 22.57
CA LYS A 348 -4.56 10.02 22.95
C LYS A 348 -5.61 9.49 23.92
N GLN A 349 -5.87 10.25 25.00
CA GLN A 349 -6.94 9.87 25.96
C GLN A 349 -8.32 9.97 25.30
N VAL A 350 -8.55 11.01 24.48
CA VAL A 350 -9.92 11.24 23.91
C VAL A 350 -9.96 10.89 22.42
N LEU A 351 -11.01 10.20 21.97
CA LEU A 351 -11.18 9.89 20.53
C LEU A 351 -12.55 10.38 20.05
N VAL A 352 -12.61 10.97 18.86
CA VAL A 352 -13.92 11.41 18.28
C VAL A 352 -14.17 10.55 17.03
N MET A 353 -15.31 9.87 16.94
CA MET A 353 -15.55 8.94 15.81
C MET A 353 -17.00 9.05 15.32
N THR A 354 -17.26 8.70 14.05
CA THR A 354 -18.66 8.68 13.53
C THR A 354 -19.34 7.41 14.04
N ALA A 355 -20.68 7.42 14.15
CA ALA A 355 -21.40 6.26 14.71
C ALA A 355 -21.20 5.01 13.84
N GLN A 356 -21.26 5.16 12.51
CA GLN A 356 -21.14 4.00 11.59
C GLN A 356 -19.73 3.39 11.70
N ILE A 357 -18.68 4.23 11.79
CA ILE A 357 -17.30 3.71 11.96
C ILE A 357 -17.20 2.97 13.30
N LEU A 358 -17.86 3.49 14.34
CA LEU A 358 -17.83 2.83 15.68
C LEU A 358 -18.49 1.45 15.55
N LEU A 359 -19.55 1.34 14.74
CA LEU A 359 -20.22 0.03 14.53
C LEU A 359 -19.22 -0.96 13.91
N ASN A 360 -18.37 -0.48 12.99
CA ASN A 360 -17.33 -1.35 12.39
C ASN A 360 -16.36 -1.82 13.49
N ILE A 361 -15.98 -0.91 14.40
CA ILE A 361 -15.09 -1.27 15.55
C ILE A 361 -15.83 -2.27 16.46
N LEU A 362 -17.14 -2.06 16.64
CA LEU A 362 -17.96 -2.95 17.52
C LEU A 362 -17.96 -4.38 16.94
N ARG A 363 -17.97 -4.54 15.62
CA ARG A 363 -17.84 -5.91 15.06
C ARG A 363 -16.48 -6.44 15.49
N HIS A 364 -16.40 -7.70 15.93
CA HIS A 364 -15.12 -8.28 16.45
C HIS A 364 -14.58 -7.40 17.58
N SER A 365 -15.46 -6.94 18.48
CA SER A 365 -15.05 -6.05 19.60
C SER A 365 -14.28 -6.83 20.67
N ILE A 366 -13.57 -6.11 21.55
CA ILE A 366 -12.83 -6.75 22.68
C ILE A 366 -13.89 -7.24 23.69
N ILE A 367 -13.49 -8.12 24.61
CA ILE A 367 -14.44 -8.67 25.64
C ILE A 367 -14.99 -7.50 26.47
N ARG A 368 -14.16 -6.47 26.72
CA ARG A 368 -14.59 -5.30 27.53
C ARG A 368 -15.17 -4.23 26.60
N MET A 369 -15.37 -4.57 25.32
CA MET A 369 -15.96 -3.62 24.32
C MET A 369 -15.11 -2.36 24.18
N GLU A 370 -13.77 -2.50 24.17
CA GLU A 370 -12.83 -1.36 23.95
C GLU A 370 -12.65 -0.54 25.23
N THR A 371 -13.23 -0.99 26.35
CA THR A 371 -13.06 -0.30 27.66
C THR A 371 -13.50 1.17 27.56
N ILE A 372 -14.55 1.47 26.79
CA ILE A 372 -14.95 2.89 26.58
C ILE A 372 -15.39 3.51 27.92
N ASP A 373 -16.22 2.81 28.70
CA ASP A 373 -16.64 3.28 30.06
C ASP A 373 -17.56 4.51 29.95
N LEU A 374 -17.05 5.62 29.40
CA LEU A 374 -17.86 6.87 29.25
C LEU A 374 -17.82 7.31 27.78
N LEU A 375 -18.99 7.58 27.18
CA LEU A 375 -19.05 8.08 25.78
C LEU A 375 -20.14 9.16 25.69
N ILE A 376 -20.09 10.00 24.66
CA ILE A 376 -21.09 11.09 24.50
C ILE A 376 -22.04 10.73 23.34
N LEU A 377 -23.35 10.72 23.59
CA LEU A 377 -24.32 10.29 22.54
C LEU A 377 -25.19 11.48 22.11
N ASP A 378 -25.32 11.69 20.80
CA ASP A 378 -26.13 12.83 20.27
C ASP A 378 -27.08 12.32 19.19
N GLU A 379 -28.12 13.09 18.84
CA GLU A 379 -29.09 12.71 17.77
C GLU A 379 -29.86 11.44 18.18
N CYS A 380 -30.04 11.22 19.48
CA CYS A 380 -30.83 10.05 19.96
C CYS A 380 -32.29 10.22 19.52
N HIS A 381 -32.80 11.46 19.56
CA HIS A 381 -34.20 11.73 19.12
C HIS A 381 -34.34 11.38 17.63
N HIS A 382 -33.34 11.72 16.82
CA HIS A 382 -33.38 11.33 15.38
C HIS A 382 -33.35 9.81 15.27
N ALA A 383 -32.56 9.14 16.12
CA ALA A 383 -32.43 7.67 16.06
C ALA A 383 -33.74 6.97 16.39
N VAL A 384 -34.06 5.89 15.67
CA VAL A 384 -35.29 5.07 15.93
C VAL A 384 -34.82 3.61 15.86
N LYS A 385 -35.68 2.64 16.18
CA LYS A 385 -35.21 1.23 16.23
C LYS A 385 -34.63 0.82 14.87
N LYS A 386 -35.26 1.23 13.75
CA LYS A 386 -34.71 0.95 12.40
C LYS A 386 -33.36 1.66 12.21
N HIS A 387 -33.22 2.88 12.75
CA HIS A 387 -31.99 3.69 12.55
C HIS A 387 -30.76 2.95 13.09
N PRO A 388 -29.60 2.99 12.40
CA PRO A 388 -28.38 2.33 12.85
C PRO A 388 -27.87 2.83 14.22
N TYR A 389 -28.05 4.13 14.51
CA TYR A 389 -27.54 4.72 15.76
C TYR A 389 -28.16 4.01 16.97
N SER A 390 -29.45 3.70 16.91
CA SER A 390 -30.13 2.99 18.02
C SER A 390 -29.53 1.60 18.20
N LEU A 391 -29.21 0.91 17.10
CA LEU A 391 -28.57 -0.43 17.19
C LEU A 391 -27.21 -0.30 17.86
N VAL A 392 -26.46 0.77 17.54
CA VAL A 392 -25.15 1.01 18.22
C VAL A 392 -25.40 1.24 19.71
N MET A 393 -26.45 2.00 20.04
CA MET A 393 -26.81 2.29 21.45
C MET A 393 -27.18 0.99 22.17
N SER A 394 -27.90 0.09 21.50
CA SER A 394 -28.38 -1.15 22.17
C SER A 394 -27.20 -2.00 22.67
N GLU A 395 -26.11 -2.10 21.89
CA GLU A 395 -24.92 -2.86 22.34
C GLU A 395 -24.37 -2.21 23.62
N PHE A 396 -24.32 -0.89 23.68
CA PHE A 396 -23.89 -0.17 24.93
C PHE A 396 -24.93 -0.38 26.05
N TYR A 397 -26.22 -0.42 25.71
CA TYR A 397 -27.29 -0.50 26.74
C TYR A 397 -27.13 -1.78 27.58
N HIS A 398 -26.80 -2.90 26.95
CA HIS A 398 -26.54 -4.14 27.73
C HIS A 398 -25.03 -4.34 27.82
N THR A 399 -24.48 -4.31 29.05
CA THR A 399 -23.01 -4.43 29.20
C THR A 399 -22.66 -5.85 29.66
N THR A 400 -21.88 -6.57 28.85
CA THR A 400 -21.53 -7.98 29.20
C THR A 400 -20.68 -8.05 30.48
N PRO A 401 -19.62 -7.23 30.70
CA PRO A 401 -18.77 -7.40 31.88
C PRO A 401 -18.79 -6.34 32.99
N LYS A 402 -19.29 -6.70 34.18
CA LYS A 402 -19.22 -5.79 35.37
C LYS A 402 -19.72 -4.37 35.07
N ASP A 403 -20.89 -4.21 34.42
CA ASP A 403 -21.42 -2.84 34.23
C ASP A 403 -20.31 -1.99 33.62
N LYS A 404 -19.77 -2.38 32.46
CA LYS A 404 -18.60 -1.69 31.85
C LYS A 404 -18.92 -0.21 31.59
N ARG A 405 -20.16 0.12 31.21
CA ARG A 405 -20.51 1.52 30.88
C ARG A 405 -21.70 1.96 31.75
N PRO A 406 -21.49 2.20 33.07
CA PRO A 406 -22.59 2.57 33.97
C PRO A 406 -23.16 3.97 33.67
N ALA A 407 -22.30 4.94 33.38
CA ALA A 407 -22.75 6.33 33.13
C ALA A 407 -22.35 6.74 31.71
N ILE A 408 -23.31 7.24 30.92
CA ILE A 408 -23.01 7.71 29.53
C ILE A 408 -23.33 9.20 29.45
N PHE A 409 -22.37 10.01 29.00
CA PHE A 409 -22.67 11.47 28.81
C PHE A 409 -23.68 11.61 27.67
N GLY A 410 -24.64 12.54 27.82
CA GLY A 410 -25.66 12.72 26.77
C GLY A 410 -25.64 14.11 26.18
N MET A 411 -25.45 14.23 24.86
CA MET A 411 -25.51 15.54 24.18
C MET A 411 -26.84 15.64 23.42
N THR A 412 -27.74 14.67 23.65
CA THR A 412 -29.03 14.65 22.91
C THR A 412 -30.02 15.56 23.64
N ALA A 413 -30.12 16.82 23.20
CA ALA A 413 -31.04 17.78 23.83
C ALA A 413 -32.48 17.31 23.62
N SER A 414 -32.79 16.77 22.44
CA SER A 414 -34.18 16.36 22.09
C SER A 414 -35.12 17.57 22.14
N PRO A 415 -35.46 18.19 20.99
CA PRO A 415 -36.31 19.40 21.00
C PRO A 415 -37.71 19.13 21.55
N VAL A 416 -38.34 18.01 21.12
CA VAL A 416 -39.70 17.65 21.62
C VAL A 416 -39.75 16.14 21.92
N ASN A 417 -39.76 15.31 20.89
CA ASN A 417 -39.88 13.83 21.07
C ASN A 417 -39.32 13.15 19.82
N LEU A 418 -39.25 11.81 19.80
CA LEU A 418 -38.62 11.14 18.64
C LEU A 418 -39.39 11.52 17.38
N LYS A 419 -40.73 11.41 17.40
CA LYS A 419 -41.56 11.86 16.25
C LYS A 419 -43.06 11.79 16.63
N GLY A 420 -43.94 12.32 15.78
CA GLY A 420 -45.40 12.21 16.02
C GLY A 420 -45.87 12.73 17.37
N VAL A 421 -45.42 13.93 17.77
CA VAL A 421 -45.90 14.54 19.05
C VAL A 421 -47.42 14.77 18.92
N SER A 422 -47.88 15.22 17.76
CA SER A 422 -49.33 15.50 17.55
C SER A 422 -50.15 14.22 17.67
N SER A 423 -49.66 13.10 17.14
CA SER A 423 -50.44 11.83 17.15
C SER A 423 -50.70 11.37 18.58
N GLN A 424 -49.72 11.53 19.47
CA GLN A 424 -49.89 11.01 20.86
C GLN A 424 -50.72 11.99 21.68
N VAL A 425 -51.84 11.52 22.26
CA VAL A 425 -52.64 12.39 23.17
C VAL A 425 -51.76 12.69 24.40
N ASP A 426 -51.00 11.68 24.85
CA ASP A 426 -50.07 11.85 26.00
C ASP A 426 -48.82 12.60 25.54
N CYS A 427 -48.08 13.19 26.47
CA CYS A 427 -46.91 14.03 26.08
C CYS A 427 -45.84 13.23 25.33
N ALA A 428 -45.44 12.04 25.83
CA ALA A 428 -44.34 11.32 25.16
C ALA A 428 -44.34 9.82 25.44
N ILE A 429 -45.28 9.04 24.88
CA ILE A 429 -45.24 7.56 25.05
C ILE A 429 -43.96 7.00 24.42
N LYS A 430 -43.59 7.50 23.24
CA LYS A 430 -42.38 6.99 22.52
C LYS A 430 -41.11 7.30 23.33
N ILE A 431 -41.04 8.49 23.93
CA ILE A 431 -39.85 8.88 24.74
C ILE A 431 -39.72 7.92 25.93
N ARG A 432 -40.85 7.53 26.53
CA ARG A 432 -40.81 6.60 27.69
C ARG A 432 -40.19 5.27 27.25
N ASN A 433 -40.56 4.76 26.07
CA ASN A 433 -39.94 3.52 25.55
C ASN A 433 -38.44 3.77 25.34
N LEU A 434 -38.09 4.94 24.81
CA LEU A 434 -36.67 5.28 24.52
C LEU A 434 -35.88 5.29 25.83
N GLU A 435 -36.46 5.83 26.90
CA GLU A 435 -35.74 5.94 28.19
C GLU A 435 -35.39 4.55 28.74
N THR A 436 -36.31 3.58 28.60
CA THR A 436 -35.99 2.19 29.05
C THR A 436 -34.82 1.65 28.22
N LYS A 437 -34.82 1.88 26.91
CA LYS A 437 -33.67 1.45 26.05
C LYS A 437 -32.42 2.23 26.46
N LEU A 438 -32.55 3.53 26.74
CA LEU A 438 -31.41 4.39 27.11
C LEU A 438 -30.77 3.91 28.40
N ASP A 439 -31.58 3.48 29.38
CA ASP A 439 -31.05 3.12 30.73
C ASP A 439 -30.43 4.37 31.33
N SER A 440 -30.98 5.55 31.00
CA SER A 440 -30.43 6.84 31.49
C SER A 440 -31.52 7.67 32.15
N THR A 441 -31.24 8.26 33.32
CA THR A 441 -32.23 9.15 33.98
C THR A 441 -32.45 10.38 33.09
N VAL A 442 -33.68 10.89 33.05
CA VAL A 442 -33.93 12.15 32.27
C VAL A 442 -34.15 13.29 33.25
N CYS A 443 -33.34 14.37 33.13
CA CYS A 443 -33.50 15.55 34.02
C CYS A 443 -34.74 16.35 33.61
N THR A 444 -35.38 17.03 34.57
CA THR A 444 -36.55 17.88 34.26
C THR A 444 -36.11 19.03 33.34
N ILE A 445 -36.94 19.45 32.39
CA ILE A 445 -36.53 20.47 31.40
C ILE A 445 -36.20 21.79 32.12
N LYS A 446 -37.02 22.20 33.09
CA LYS A 446 -36.76 23.46 33.86
C LYS A 446 -36.49 24.59 32.86
N ASP A 447 -37.37 24.76 31.87
CA ASP A 447 -37.13 25.75 30.78
C ASP A 447 -37.02 27.18 31.34
N ARG A 448 -37.86 27.57 32.30
CA ARG A 448 -37.79 28.99 32.76
C ARG A 448 -37.02 29.08 34.08
N LYS A 449 -36.64 27.94 34.68
CA LYS A 449 -35.98 28.00 36.01
C LYS A 449 -34.63 28.74 35.91
N GLU A 450 -33.81 28.40 34.92
CA GLU A 450 -32.53 29.14 34.71
C GLU A 450 -32.37 29.49 33.24
N LEU A 451 -32.94 28.68 32.34
CA LEU A 451 -32.77 28.91 30.89
C LEU A 451 -33.61 30.11 30.45
N GLU A 452 -33.21 30.80 29.37
CA GLU A 452 -33.97 31.95 28.80
C GLU A 452 -33.69 33.24 29.58
N LYS A 453 -32.84 33.20 30.60
CA LYS A 453 -32.45 34.47 31.29
C LYS A 453 -31.68 35.34 30.30
N HIS A 454 -30.75 34.74 29.54
CA HIS A 454 -29.97 35.48 28.52
C HIS A 454 -30.40 35.03 27.12
N VAL A 455 -31.43 34.19 27.03
CA VAL A 455 -31.87 33.65 25.71
C VAL A 455 -33.22 34.28 25.34
N PRO A 456 -33.34 34.92 24.16
CA PRO A 456 -34.61 35.52 23.72
C PRO A 456 -35.62 34.48 23.22
N MET A 457 -36.91 34.82 23.24
CA MET A 457 -37.93 33.90 22.68
C MET A 457 -38.53 34.53 21.41
N PRO A 458 -38.48 33.87 20.23
CA PRO A 458 -39.11 34.38 19.02
C PRO A 458 -40.64 34.29 19.08
N SER A 459 -41.34 35.21 18.40
CA SER A 459 -42.82 35.20 18.40
C SER A 459 -43.33 34.84 17.00
N GLU A 460 -44.26 33.87 16.91
CA GLU A 460 -44.79 33.43 15.60
C GLU A 460 -45.56 34.60 14.95
N ILE A 461 -45.35 34.82 13.65
CA ILE A 461 -46.09 35.90 12.92
C ILE A 461 -46.84 35.24 11.75
N VAL A 462 -48.15 35.53 11.62
CA VAL A 462 -48.93 34.98 10.47
C VAL A 462 -48.74 35.92 9.28
N VAL A 463 -48.34 35.39 8.12
CA VAL A 463 -48.04 36.24 6.92
C VAL A 463 -48.68 35.60 5.68
N GLU A 464 -48.91 36.37 4.62
CA GLU A 464 -49.44 35.81 3.35
C GLU A 464 -48.41 34.83 2.79
N TYR A 465 -48.87 33.76 2.13
CA TYR A 465 -47.95 32.70 1.64
C TYR A 465 -46.94 33.26 0.62
N ASP A 466 -47.39 34.12 -0.29
CA ASP A 466 -46.50 34.63 -1.35
C ASP A 466 -46.82 36.11 -1.61
N LYS A 467 -45.84 36.89 -2.08
CA LYS A 467 -46.13 38.30 -2.44
C LYS A 467 -47.14 38.30 -3.59
N ALA A 468 -48.18 39.15 -3.50
CA ALA A 468 -49.23 39.20 -4.55
C ALA A 468 -49.84 37.80 -4.75
N ALA A 469 -50.00 37.37 -6.00
CA ALA A 469 -50.58 36.05 -6.31
C ALA A 469 -50.11 35.59 -7.69
N THR A 470 -50.26 34.30 -8.01
CA THR A 470 -49.89 33.80 -9.36
C THR A 470 -50.79 34.48 -10.39
N MET A 471 -50.21 34.95 -11.50
CA MET A 471 -50.99 35.71 -12.53
C MET A 471 -51.21 34.85 -13.78
N TRP A 472 -50.96 33.53 -13.70
CA TRP A 472 -51.06 32.68 -14.91
C TRP A 472 -51.94 31.46 -14.67
N SER A 473 -53.27 31.66 -14.60
CA SER A 473 -54.20 30.51 -14.44
C SER A 473 -54.11 29.60 -15.67
N LEU A 474 -54.00 30.18 -16.87
CA LEU A 474 -53.90 29.38 -18.12
C LEU A 474 -52.59 28.56 -18.10
N HIS A 475 -51.51 29.14 -17.58
CA HIS A 475 -50.21 28.43 -17.53
C HIS A 475 -50.29 27.19 -16.63
N GLU A 476 -51.17 27.20 -15.63
CA GLU A 476 -51.37 25.98 -14.79
C GLU A 476 -51.89 24.84 -15.67
N THR A 477 -52.77 25.14 -16.63
CA THR A 477 -53.24 24.10 -17.59
C THR A 477 -52.04 23.62 -18.42
N ILE A 478 -51.15 24.54 -18.81
CA ILE A 478 -49.92 24.18 -19.57
C ILE A 478 -49.06 23.28 -18.69
N LYS A 479 -49.03 23.52 -17.37
CA LYS A 479 -48.26 22.67 -16.42
C LYS A 479 -48.81 21.24 -16.47
N GLN A 480 -50.13 21.09 -16.57
CA GLN A 480 -50.75 19.74 -16.70
C GLN A 480 -50.25 19.09 -18.00
N MET A 481 -50.14 19.88 -19.08
CA MET A 481 -49.60 19.35 -20.36
C MET A 481 -48.14 18.92 -20.18
N ILE A 482 -47.36 19.68 -19.39
CA ILE A 482 -45.94 19.30 -19.12
C ILE A 482 -45.93 17.95 -18.37
N ALA A 483 -46.85 17.76 -17.43
CA ALA A 483 -46.95 16.47 -16.71
C ALA A 483 -47.31 15.36 -17.71
N ALA A 484 -48.21 15.64 -18.66
CA ALA A 484 -48.57 14.64 -19.69
C ALA A 484 -47.34 14.32 -20.55
N VAL A 485 -46.52 15.32 -20.87
CA VAL A 485 -45.26 15.10 -21.64
C VAL A 485 -44.34 14.18 -20.83
N GLU A 486 -44.26 14.39 -19.51
CA GLU A 486 -43.44 13.52 -18.62
C GLU A 486 -44.00 12.10 -18.66
N GLU A 487 -45.33 11.95 -18.67
CA GLU A 487 -45.96 10.61 -18.75
C GLU A 487 -45.61 9.96 -20.09
N ALA A 488 -45.57 10.75 -21.17
CA ALA A 488 -45.18 10.21 -22.50
C ALA A 488 -43.73 9.73 -22.44
N ALA A 489 -42.85 10.45 -21.73
CA ALA A 489 -41.44 10.01 -21.57
C ALA A 489 -41.41 8.68 -20.79
N GLN A 490 -42.27 8.54 -19.78
CA GLN A 490 -42.34 7.26 -19.02
C GLN A 490 -42.77 6.15 -19.99
N ALA A 491 -43.73 6.43 -20.87
CA ALA A 491 -44.20 5.43 -21.86
C ALA A 491 -43.06 5.07 -22.81
N SER A 492 -42.25 6.06 -23.23
CA SER A 492 -41.14 5.81 -24.17
C SER A 492 -40.13 4.84 -23.54
N SER A 493 -39.84 5.00 -22.24
CA SER A 493 -38.94 4.05 -21.54
C SER A 493 -37.54 4.06 -22.16
N GLY A 526 -31.29 8.10 -16.62
CA GLY A 526 -31.20 9.55 -16.87
C GLY A 526 -32.55 10.13 -17.25
N ALA A 527 -33.36 9.36 -17.98
CA ALA A 527 -34.69 9.85 -18.43
C ALA A 527 -35.57 10.14 -17.20
N ALA A 528 -35.52 9.28 -16.18
CA ALA A 528 -36.32 9.49 -14.96
C ALA A 528 -35.91 10.79 -14.28
N ASN A 529 -34.61 11.09 -14.24
CA ASN A 529 -34.11 12.34 -13.61
C ASN A 529 -34.66 13.56 -14.37
N LEU A 530 -34.70 13.49 -15.70
CA LEU A 530 -35.26 14.60 -16.52
C LEU A 530 -36.76 14.73 -16.22
N ILE A 531 -37.45 13.60 -16.03
CA ILE A 531 -38.90 13.64 -15.67
C ILE A 531 -39.03 14.34 -14.32
N HIS A 532 -38.11 14.09 -13.39
CA HIS A 532 -38.12 14.78 -12.07
C HIS A 532 -37.94 16.28 -12.26
N LYS A 533 -37.11 16.70 -13.22
CA LYS A 533 -36.92 18.15 -13.49
C LYS A 533 -38.25 18.76 -13.94
N LEU A 534 -39.01 18.06 -14.78
CA LEU A 534 -40.34 18.57 -15.22
C LEU A 534 -41.27 18.68 -14.01
N ARG A 535 -41.22 17.69 -13.11
CA ARG A 535 -42.07 17.74 -11.88
C ARG A 535 -41.66 18.96 -11.05
N ALA A 536 -40.35 19.22 -10.94
CA ALA A 536 -39.85 20.36 -10.15
C ALA A 536 -40.35 21.67 -10.74
N ILE A 537 -40.37 21.78 -12.08
CA ILE A 537 -40.88 23.02 -12.74
C ILE A 537 -42.35 23.17 -12.35
N ASN A 538 -43.11 22.07 -12.37
CA ASN A 538 -44.57 22.15 -12.07
C ASN A 538 -44.77 22.64 -10.63
N TYR A 539 -43.99 22.11 -9.69
CA TYR A 539 -44.17 22.49 -8.27
C TYR A 539 -43.85 23.98 -8.09
N THR A 540 -42.74 24.43 -8.70
CA THR A 540 -42.30 25.83 -8.53
C THR A 540 -43.33 26.79 -9.15
N LEU A 541 -43.84 26.47 -10.35
CA LEU A 541 -44.76 27.43 -11.01
C LEU A 541 -46.06 27.55 -10.19
N ALA A 542 -46.58 26.45 -9.65
CA ALA A 542 -47.79 26.58 -8.80
C ALA A 542 -47.48 27.38 -7.52
N GLU A 543 -46.37 27.08 -6.83
CA GLU A 543 -46.08 27.75 -5.54
C GLU A 543 -45.67 29.23 -5.70
N LEU A 544 -44.81 29.55 -6.67
CA LEU A 544 -44.27 30.94 -6.76
C LEU A 544 -44.58 31.61 -8.11
N GLY A 545 -45.46 31.02 -8.92
CA GLY A 545 -45.82 31.65 -10.20
C GLY A 545 -44.89 31.25 -11.32
N GLN A 546 -45.25 31.58 -12.56
CA GLN A 546 -44.42 31.21 -13.74
C GLN A 546 -43.06 31.91 -13.73
N TRP A 547 -42.99 33.15 -13.22
CA TRP A 547 -41.71 33.89 -13.29
C TRP A 547 -40.63 33.12 -12.54
N CYS A 548 -40.95 32.53 -11.38
CA CYS A 548 -39.99 31.69 -10.63
C CYS A 548 -39.64 30.45 -11.46
N ALA A 549 -40.64 29.85 -12.14
CA ALA A 549 -40.42 28.63 -12.94
C ALA A 549 -39.43 28.89 -14.07
N TYR A 550 -39.47 30.09 -14.66
CA TYR A 550 -38.50 30.43 -15.74
C TYR A 550 -37.08 30.33 -15.17
N LYS A 551 -36.88 30.82 -13.94
CA LYS A 551 -35.54 30.77 -13.30
C LYS A 551 -35.12 29.32 -13.08
N VAL A 552 -36.04 28.46 -12.63
CA VAL A 552 -35.72 27.02 -12.44
C VAL A 552 -35.39 26.39 -13.79
N GLY A 553 -36.10 26.78 -14.86
CA GLY A 553 -35.79 26.28 -16.21
C GLY A 553 -34.39 26.68 -16.62
N GLN A 554 -33.99 27.93 -16.32
CA GLN A 554 -32.63 28.42 -16.65
C GLN A 554 -31.59 27.61 -15.87
N SER A 555 -31.84 27.33 -14.59
CA SER A 555 -30.91 26.50 -13.79
C SER A 555 -30.85 25.08 -14.37
N PHE A 556 -32.01 24.56 -14.80
CA PHE A 556 -32.06 23.22 -15.43
C PHE A 556 -31.25 23.23 -16.73
N LEU A 557 -31.30 24.34 -17.48
CA LEU A 557 -30.55 24.44 -18.76
C LEU A 557 -29.05 24.31 -18.48
N SER A 558 -28.55 24.97 -17.44
CA SER A 558 -27.11 24.83 -17.07
C SER A 558 -26.84 23.38 -16.63
N ALA A 559 -27.77 22.80 -15.86
CA ALA A 559 -27.62 21.39 -15.41
C ALA A 559 -27.63 20.47 -16.64
N LEU A 560 -28.46 20.78 -17.64
CA LEU A 560 -28.55 19.94 -18.86
C LEU A 560 -27.19 19.93 -19.56
N GLN A 561 -26.53 21.08 -19.65
CA GLN A 561 -25.25 21.13 -20.39
C GLN A 561 -24.25 20.23 -19.66
N SER A 562 -24.19 20.32 -18.33
CA SER A 562 -23.22 19.51 -17.55
C SER A 562 -23.55 18.01 -17.66
N ASP A 563 -24.83 17.64 -17.57
CA ASP A 563 -25.25 16.22 -17.65
C ASP A 563 -24.94 15.66 -19.05
N GLU A 564 -25.11 16.48 -20.09
CA GLU A 564 -24.78 16.03 -21.48
C GLU A 564 -23.27 15.73 -21.55
N ARG A 565 -22.44 16.59 -20.94
CA ARG A 565 -20.98 16.29 -20.89
C ARG A 565 -20.74 15.04 -20.04
N VAL A 566 -21.47 14.90 -18.92
CA VAL A 566 -21.26 13.76 -17.99
C VAL A 566 -21.60 12.43 -18.68
N ASN A 567 -22.70 12.38 -19.43
CA ASN A 567 -23.13 11.09 -20.04
C ASN A 567 -23.12 11.19 -21.57
N PHE A 568 -22.39 10.31 -22.25
CA PHE A 568 -22.30 10.36 -23.73
C PHE A 568 -23.26 9.35 -24.37
N GLN A 569 -24.06 8.66 -23.56
CA GLN A 569 -24.95 7.61 -24.12
C GLN A 569 -25.93 8.26 -25.10
N VAL A 570 -26.13 7.66 -26.28
CA VAL A 570 -26.99 8.28 -27.33
C VAL A 570 -28.43 8.38 -26.81
N ASP A 571 -28.93 7.33 -26.16
CA ASP A 571 -30.34 7.34 -25.67
C ASP A 571 -30.50 8.44 -24.62
N VAL A 572 -29.55 8.56 -23.71
CA VAL A 572 -29.60 9.62 -22.65
C VAL A 572 -29.52 10.99 -23.33
N LYS A 573 -28.64 11.14 -24.32
CA LYS A 573 -28.49 12.44 -25.03
C LYS A 573 -29.79 12.80 -25.75
N PHE A 574 -30.45 11.81 -26.35
CA PHE A 574 -31.74 12.06 -27.06
C PHE A 574 -32.77 12.56 -26.04
N GLN A 575 -32.82 11.94 -24.86
CA GLN A 575 -33.78 12.37 -23.80
C GLN A 575 -33.42 13.78 -23.35
N GLU A 576 -32.13 14.07 -23.18
CA GLU A 576 -31.69 15.41 -22.71
C GLU A 576 -32.07 16.47 -23.74
N SER A 577 -31.87 16.18 -25.04
CA SER A 577 -32.22 17.13 -26.12
C SER A 577 -33.75 17.34 -26.13
N TYR A 578 -34.51 16.26 -25.95
CA TYR A 578 -35.99 16.36 -25.94
C TYR A 578 -36.43 17.27 -24.79
N LEU A 579 -35.81 17.09 -23.62
CA LEU A 579 -36.16 17.93 -22.44
C LEU A 579 -35.79 19.39 -22.73
N SER A 580 -34.63 19.62 -23.34
CA SER A 580 -34.17 21.01 -23.58
C SER A 580 -35.15 21.74 -24.51
N GLU A 581 -35.63 21.05 -25.54
CA GLU A 581 -36.59 21.69 -26.49
C GLU A 581 -37.89 22.03 -25.74
N VAL A 582 -38.37 21.12 -24.88
CA VAL A 582 -39.67 21.36 -24.18
C VAL A 582 -39.54 22.58 -23.27
N VAL A 583 -38.46 22.65 -22.49
CA VAL A 583 -38.28 23.78 -21.54
C VAL A 583 -38.06 25.09 -22.32
N SER A 584 -37.29 25.03 -23.41
CA SER A 584 -36.99 26.26 -24.20
C SER A 584 -38.28 26.84 -24.78
N LEU A 585 -39.18 25.97 -25.26
CA LEU A 585 -40.48 26.45 -25.81
C LEU A 585 -41.25 27.14 -24.67
N LEU A 586 -41.26 26.55 -23.48
CA LEU A 586 -41.92 27.17 -22.31
C LEU A 586 -41.19 28.46 -21.91
N GLN A 587 -39.86 28.49 -22.00
CA GLN A 587 -39.07 29.65 -21.50
C GLN A 587 -39.45 30.95 -22.21
N CYS A 588 -39.69 30.94 -23.52
CA CYS A 588 -39.93 32.23 -24.22
C CYS A 588 -41.18 32.94 -23.66
N GLU A 589 -42.29 32.21 -23.48
CA GLU A 589 -43.50 32.83 -22.87
C GLU A 589 -43.23 33.21 -21.41
N LEU A 590 -42.49 32.36 -20.69
CA LEU A 590 -42.18 32.62 -19.26
C LEU A 590 -41.34 33.89 -19.15
N LEU A 591 -40.40 34.10 -20.06
CA LEU A 591 -39.55 35.33 -20.05
C LEU A 591 -40.44 36.56 -20.25
N GLU A 592 -41.43 36.47 -21.14
CA GLU A 592 -42.37 37.60 -21.35
C GLU A 592 -43.14 37.84 -20.04
N GLY A 593 -43.57 36.77 -19.37
CA GLY A 593 -44.26 36.91 -18.07
C GLY A 593 -43.35 37.50 -17.01
N ALA A 594 -42.07 37.07 -16.99
CA ALA A 594 -41.10 37.58 -15.99
C ALA A 594 -40.78 39.05 -16.28
N SER A 651 -39.75 36.12 -3.78
CA SER A 651 -40.77 35.62 -2.83
C SER A 651 -40.72 36.40 -1.53
N LEU A 652 -41.88 36.69 -0.92
CA LEU A 652 -41.92 37.36 0.41
C LEU A 652 -41.07 38.65 0.35
N ILE A 653 -41.27 39.46 -0.69
CA ILE A 653 -40.45 40.70 -0.87
C ILE A 653 -40.70 41.63 0.32
N LYS A 654 -41.94 41.70 0.80
CA LYS A 654 -42.29 42.61 1.93
C LYS A 654 -41.48 42.23 3.18
N LEU A 655 -41.29 40.93 3.42
CA LEU A 655 -40.48 40.48 4.59
C LEU A 655 -39.04 40.96 4.42
N LEU A 656 -38.49 40.86 3.21
CA LEU A 656 -37.09 41.31 2.95
C LEU A 656 -37.01 42.82 3.19
N LEU A 657 -38.02 43.57 2.74
CA LEU A 657 -38.04 45.05 2.93
C LEU A 657 -38.11 45.37 4.42
N LYS A 658 -38.86 44.58 5.19
CA LYS A 658 -39.03 44.87 6.65
C LYS A 658 -37.67 44.78 7.34
N TYR A 659 -36.86 43.77 6.99
CA TYR A 659 -35.54 43.58 7.67
C TYR A 659 -34.44 44.34 6.91
N GLN A 660 -34.78 44.94 5.77
CA GLN A 660 -33.80 45.74 4.97
C GLN A 660 -33.34 46.96 5.78
N HIS A 661 -34.24 47.56 6.56
CA HIS A 661 -33.90 48.82 7.30
C HIS A 661 -32.74 48.57 8.26
N THR A 662 -31.83 49.55 8.40
CA THR A 662 -30.65 49.46 9.31
C THR A 662 -29.60 48.51 8.72
N ALA A 663 -29.77 48.07 7.47
CA ALA A 663 -28.77 47.21 6.79
C ALA A 663 -28.45 45.99 7.66
N ASP A 664 -29.46 45.34 8.24
CA ASP A 664 -29.19 44.20 9.16
C ASP A 664 -28.45 43.11 8.39
N PHE A 665 -27.37 42.58 8.96
CA PHE A 665 -26.56 41.54 8.26
C PHE A 665 -26.99 40.14 8.70
N ARG A 666 -27.41 39.97 9.96
CA ARG A 666 -27.69 38.60 10.46
C ARG A 666 -29.13 38.20 10.17
N ALA A 667 -29.35 37.32 9.18
CA ALA A 667 -30.72 36.83 8.86
C ALA A 667 -30.62 35.41 8.32
N ILE A 668 -31.64 34.57 8.57
CA ILE A 668 -31.64 33.19 7.99
C ILE A 668 -33.03 32.90 7.38
N VAL A 669 -33.06 32.27 6.19
CA VAL A 669 -34.35 31.93 5.53
C VAL A 669 -34.31 30.44 5.17
N PHE A 670 -35.46 29.77 5.14
CA PHE A 670 -35.52 28.33 4.79
C PHE A 670 -36.53 28.14 3.65
N VAL A 671 -36.30 27.14 2.79
CA VAL A 671 -37.20 26.92 1.61
C VAL A 671 -37.62 25.46 1.56
N GLU A 672 -38.79 25.19 0.96
CA GLU A 672 -39.31 23.79 0.86
C GLU A 672 -38.38 22.92 0.01
N ARG A 673 -37.86 23.46 -1.10
CA ARG A 673 -37.05 22.62 -2.03
C ARG A 673 -35.73 23.30 -2.38
N VAL A 674 -34.70 22.51 -2.72
CA VAL A 674 -33.35 23.06 -3.06
C VAL A 674 -33.45 23.93 -4.33
N VAL A 675 -34.26 23.53 -5.31
CA VAL A 675 -34.31 24.28 -6.60
C VAL A 675 -34.78 25.72 -6.33
N ALA A 676 -35.75 25.89 -5.42
CA ALA A 676 -36.24 27.25 -5.07
C ALA A 676 -35.08 28.07 -4.49
N ALA A 677 -34.27 27.47 -3.61
CA ALA A 677 -33.10 28.18 -3.03
C ALA A 677 -32.11 28.55 -4.13
N LEU A 678 -31.86 27.63 -5.08
CA LEU A 678 -30.86 27.89 -6.15
C LEU A 678 -31.31 29.07 -7.00
N VAL A 679 -32.61 29.17 -7.29
CA VAL A 679 -33.11 30.24 -8.21
C VAL A 679 -33.51 31.49 -7.41
N LEU A 680 -33.45 31.44 -6.08
CA LEU A 680 -33.90 32.60 -5.26
C LEU A 680 -33.06 33.85 -5.55
N PRO A 681 -31.71 33.79 -5.67
CA PRO A 681 -30.93 34.98 -6.04
C PRO A 681 -31.33 35.53 -7.41
N LYS A 682 -31.58 34.64 -8.38
CA LYS A 682 -32.00 35.08 -9.74
C LYS A 682 -33.34 35.82 -9.65
N VAL A 683 -34.29 35.29 -8.87
CA VAL A 683 -35.61 35.97 -8.69
C VAL A 683 -35.37 37.33 -8.00
N PHE A 684 -34.52 37.36 -6.97
CA PHE A 684 -34.26 38.61 -6.22
C PHE A 684 -33.59 39.64 -7.13
N ALA A 685 -32.64 39.20 -7.97
CA ALA A 685 -31.92 40.14 -8.86
C ALA A 685 -32.86 40.77 -9.89
N GLU A 686 -33.80 40.00 -10.46
CA GLU A 686 -34.63 40.53 -11.58
C GLU A 686 -35.52 41.71 -11.16
N LEU A 687 -36.22 41.63 -10.02
CA LEU A 687 -37.18 42.72 -9.66
C LEU A 687 -36.78 43.43 -8.37
N PRO A 688 -36.59 42.76 -7.21
CA PRO A 688 -36.13 43.41 -5.99
C PRO A 688 -34.71 44.01 -6.15
N SER A 689 -33.90 43.45 -7.05
CA SER A 689 -32.49 43.90 -7.26
C SER A 689 -31.72 43.75 -5.93
N LEU A 690 -31.96 42.66 -5.21
CA LEU A 690 -31.28 42.43 -3.91
C LEU A 690 -30.29 41.26 -4.07
N SER A 691 -29.03 41.46 -3.68
CA SER A 691 -28.02 40.37 -3.76
C SER A 691 -28.42 39.24 -2.79
N PHE A 692 -28.29 37.99 -3.25
CA PHE A 692 -28.65 36.82 -2.39
C PHE A 692 -27.70 35.66 -2.70
N ILE A 693 -27.48 34.77 -1.72
CA ILE A 693 -26.63 33.56 -1.94
C ILE A 693 -27.35 32.37 -1.29
N ARG A 694 -27.06 31.15 -1.71
CA ARG A 694 -27.77 29.96 -1.16
C ARG A 694 -26.76 28.88 -0.78
N CYS A 695 -27.10 28.04 0.19
CA CYS A 695 -26.20 26.92 0.56
C CYS A 695 -26.80 25.62 0.00
N ALA A 696 -26.09 24.98 -0.94
CA ALA A 696 -26.59 23.73 -1.57
C ALA A 696 -26.47 22.56 -0.59
N SER A 697 -27.38 21.57 -0.70
CA SER A 697 -27.26 20.36 0.14
C SER A 697 -25.99 19.59 -0.26
N MET A 698 -25.27 19.04 0.72
CA MET A 698 -23.98 18.35 0.40
C MET A 698 -24.27 17.16 -0.53
N ILE A 699 -25.32 16.39 -0.24
CA ILE A 699 -25.71 15.29 -1.16
C ILE A 699 -26.42 15.93 -2.35
N GLY A 700 -26.03 15.59 -3.58
CA GLY A 700 -26.62 16.24 -4.76
C GLY A 700 -27.59 15.33 -5.49
N HIS A 701 -28.81 15.81 -5.75
CA HIS A 701 -29.82 14.99 -6.46
C HIS A 701 -30.01 15.58 -7.87
N ASN A 702 -29.79 14.77 -8.92
CA ASN A 702 -29.95 15.21 -10.33
C ASN A 702 -28.75 16.08 -10.72
N ASN A 703 -27.77 16.23 -9.81
CA ASN A 703 -26.52 17.00 -10.09
C ASN A 703 -26.87 18.42 -10.59
N SER A 704 -27.96 19.01 -10.09
CA SER A 704 -28.29 20.42 -10.47
C SER A 704 -27.21 21.34 -9.90
N GLN A 705 -26.78 21.09 -8.66
CA GLN A 705 -25.70 21.89 -8.02
C GLN A 705 -24.83 20.95 -7.19
N GLU A 706 -23.55 21.27 -7.02
CA GLU A 706 -22.63 20.37 -6.28
C GLU A 706 -22.12 21.08 -5.02
N MET A 707 -22.25 20.44 -3.84
CA MET A 707 -21.69 21.04 -2.60
C MET A 707 -20.73 20.04 -1.95
N LYS A 708 -19.46 20.43 -1.75
CA LYS A 708 -18.50 19.56 -1.03
C LYS A 708 -18.71 19.73 0.48
N SER A 709 -18.39 18.72 1.29
CA SER A 709 -18.52 18.87 2.75
C SER A 709 -17.57 19.99 3.22
N SER A 710 -16.35 20.02 2.68
CA SER A 710 -15.38 21.11 3.01
C SER A 710 -15.94 22.45 2.52
N GLN A 711 -16.57 22.45 1.34
CA GLN A 711 -17.14 23.70 0.75
C GLN A 711 -18.24 24.23 1.68
N MET A 712 -19.07 23.34 2.25
CA MET A 712 -20.12 23.78 3.21
C MET A 712 -19.48 24.43 4.43
N GLN A 713 -18.37 23.86 4.93
CA GLN A 713 -17.65 24.48 6.07
C GLN A 713 -17.13 25.85 5.62
N ASP A 714 -16.64 25.95 4.39
CA ASP A 714 -16.17 27.26 3.85
C ASP A 714 -17.37 28.23 3.79
N THR A 715 -18.54 27.73 3.38
CA THR A 715 -19.73 28.62 3.23
C THR A 715 -20.13 29.20 4.58
N ILE A 716 -20.14 28.37 5.64
CA ILE A 716 -20.47 28.87 7.01
C ILE A 716 -19.39 29.85 7.49
N SER A 717 -18.12 29.59 7.19
CA SER A 717 -17.03 30.54 7.55
C SER A 717 -17.25 31.85 6.79
N LYS A 718 -17.64 31.78 5.52
CA LYS A 718 -17.94 33.00 4.72
C LYS A 718 -19.13 33.72 5.37
N PHE A 719 -20.12 32.96 5.87
CA PHE A 719 -21.33 33.57 6.47
C PHE A 719 -20.92 34.43 7.67
N ARG A 720 -19.90 34.00 8.41
CA ARG A 720 -19.41 34.81 9.57
C ARG A 720 -18.95 36.18 9.07
N ASP A 721 -18.31 36.24 7.90
CA ASP A 721 -17.92 37.55 7.31
C ASP A 721 -19.20 38.36 7.04
N GLY A 722 -19.17 39.66 7.32
CA GLY A 722 -20.39 40.49 7.20
C GLY A 722 -20.97 40.56 5.80
N HIS A 723 -20.14 40.66 4.77
CA HIS A 723 -20.68 40.84 3.39
C HIS A 723 -21.54 39.63 2.99
N VAL A 724 -21.07 38.41 3.25
CA VAL A 724 -21.84 37.18 2.89
C VAL A 724 -23.14 37.13 3.71
N THR A 725 -23.08 37.52 4.99
CA THR A 725 -24.29 37.50 5.85
C THR A 725 -25.34 38.45 5.27
N LEU A 726 -24.90 39.61 4.76
CA LEU A 726 -25.84 40.63 4.23
C LEU A 726 -26.62 40.00 3.06
N LEU A 727 -25.96 39.20 2.23
CA LEU A 727 -26.66 38.50 1.11
C LEU A 727 -27.71 37.55 1.69
N VAL A 728 -27.38 36.81 2.77
CA VAL A 728 -28.32 35.85 3.44
C VAL A 728 -28.25 34.51 2.70
N ALA A 729 -28.56 33.40 3.37
CA ALA A 729 -28.44 32.06 2.74
C ALA A 729 -29.69 31.22 3.00
N THR A 730 -30.04 30.33 2.07
CA THR A 730 -31.21 29.42 2.28
C THR A 730 -30.73 27.97 2.25
N SER A 731 -31.00 27.19 3.31
CA SER A 731 -30.65 25.74 3.29
C SER A 731 -31.87 24.91 3.72
N VAL A 732 -32.30 23.98 2.87
CA VAL A 732 -33.43 23.06 3.24
C VAL A 732 -32.97 22.15 4.38
N ALA A 733 -31.73 21.67 4.34
CA ALA A 733 -31.24 20.71 5.35
C ALA A 733 -31.25 21.33 6.75
N GLU A 734 -30.87 22.61 6.87
CA GLU A 734 -30.80 23.29 8.19
C GLU A 734 -29.84 22.54 9.12
N GLU A 735 -28.73 22.03 8.58
CA GLU A 735 -27.77 21.23 9.39
C GLU A 735 -26.35 21.78 9.22
N GLY A 736 -25.56 21.82 10.30
CA GLY A 736 -24.17 22.29 10.22
C GLY A 736 -24.07 23.71 9.70
N LEU A 737 -24.99 24.59 10.10
CA LEU A 737 -24.96 26.01 9.66
C LEU A 737 -24.58 26.89 10.85
N ASP A 738 -23.61 27.78 10.68
CA ASP A 738 -23.26 28.72 11.78
C ASP A 738 -24.09 30.00 11.59
N ILE A 739 -25.19 30.13 12.33
CA ILE A 739 -26.05 31.36 12.25
C ILE A 739 -26.19 31.92 13.66
N ARG A 740 -25.96 33.22 13.84
CA ARG A 740 -26.04 33.84 15.19
C ARG A 740 -26.76 35.20 15.09
N GLN A 741 -27.47 35.59 16.15
CA GLN A 741 -28.14 36.92 16.21
C GLN A 741 -29.10 37.09 15.03
N CYS A 742 -29.79 36.02 14.60
CA CYS A 742 -30.66 36.13 13.41
C CYS A 742 -32.06 36.56 13.82
N ASN A 743 -32.44 37.80 13.48
CA ASN A 743 -33.78 38.33 13.85
C ASN A 743 -34.87 37.52 13.14
N VAL A 744 -34.65 37.14 11.88
CA VAL A 744 -35.70 36.41 11.11
C VAL A 744 -35.25 34.95 10.92
N VAL A 745 -36.12 34.00 11.27
CA VAL A 745 -35.81 32.55 11.08
C VAL A 745 -36.96 31.97 10.23
N MET A 746 -37.46 32.76 9.28
CA MET A 746 -38.66 32.35 8.49
C MET A 746 -38.46 30.99 7.83
N ARG A 747 -39.46 30.12 7.92
CA ARG A 747 -39.39 28.76 7.33
C ARG A 747 -40.48 28.67 6.24
N PHE A 748 -40.14 28.20 5.03
CA PHE A 748 -41.15 28.20 3.94
C PHE A 748 -41.63 26.78 3.65
N ASP A 749 -42.92 26.52 3.83
CA ASP A 749 -43.52 25.19 3.49
C ASP A 749 -42.74 24.05 4.15
N LEU A 750 -42.37 24.21 5.43
CA LEU A 750 -41.56 23.17 6.13
C LEU A 750 -42.19 22.83 7.48
N ALA A 751 -43.34 22.15 7.48
CA ALA A 751 -43.96 21.70 8.76
C ALA A 751 -43.76 20.19 8.88
N LYS A 752 -42.94 19.60 8.00
CA LYS A 752 -42.77 18.12 7.96
C LYS A 752 -42.14 17.60 9.26
N THR A 753 -41.13 18.30 9.80
CA THR A 753 -40.43 17.76 11.00
C THR A 753 -40.79 18.59 12.24
N VAL A 754 -41.37 17.94 13.26
CA VAL A 754 -41.73 18.65 14.52
C VAL A 754 -40.45 19.14 15.21
N LEU A 755 -39.41 18.31 15.24
CA LEU A 755 -38.13 18.69 15.92
C LEU A 755 -37.48 19.87 15.19
N ALA A 756 -37.52 19.88 13.86
CA ALA A 756 -36.93 20.99 13.06
C ALA A 756 -37.68 22.29 13.34
N TYR A 757 -39.01 22.23 13.53
CA TYR A 757 -39.81 23.44 13.84
C TYR A 757 -39.30 24.02 15.17
N ILE A 758 -39.07 23.17 16.17
CA ILE A 758 -38.51 23.64 17.47
C ILE A 758 -37.09 24.14 17.23
N GLN A 759 -36.32 23.47 16.38
CA GLN A 759 -34.91 23.85 16.11
C GLN A 759 -34.89 25.27 15.50
N SER A 760 -35.79 25.54 14.56
CA SER A 760 -35.85 26.90 13.94
C SER A 760 -36.24 27.94 15.00
N ARG A 761 -37.16 27.58 15.90
CA ARG A 761 -37.54 28.51 17.00
C ARG A 761 -36.29 28.78 17.84
N GLY A 762 -35.51 27.73 18.12
CA GLY A 762 -34.24 27.89 18.86
C GLY A 762 -33.23 28.72 18.09
N ARG A 763 -33.17 28.55 16.77
CA ARG A 763 -32.14 29.25 15.93
C ARG A 763 -32.31 30.77 16.04
N ALA A 764 -33.55 31.27 16.08
CA ALA A 764 -33.74 32.75 16.09
C ALA A 764 -33.07 33.33 17.33
N ARG A 765 -32.29 34.42 17.19
CA ARG A 765 -31.50 34.90 18.36
C ARG A 765 -31.95 36.24 18.95
N LYS A 766 -31.06 36.94 19.67
CA LYS A 766 -31.45 38.15 20.46
C LYS A 766 -32.03 39.34 19.66
N PRO A 767 -31.44 39.83 18.55
CA PRO A 767 -31.93 41.09 17.98
C PRO A 767 -33.27 40.84 17.29
N GLY A 768 -34.32 41.58 17.64
CA GLY A 768 -35.61 41.48 16.93
C GLY A 768 -36.07 40.05 16.72
N SER A 769 -36.06 39.21 17.76
CA SER A 769 -36.41 37.78 17.55
C SER A 769 -37.80 37.69 16.94
N ASP A 770 -37.97 36.90 15.87
CA ASP A 770 -39.28 36.86 15.17
C ASP A 770 -39.41 35.62 14.29
N TYR A 771 -40.17 34.61 14.74
CA TYR A 771 -40.44 33.40 13.93
C TYR A 771 -41.55 33.75 12.93
N ILE A 772 -41.35 33.45 11.65
CA ILE A 772 -42.37 33.84 10.63
C ILE A 772 -42.95 32.57 9.99
N LEU A 773 -44.27 32.41 10.04
CA LEU A 773 -44.95 31.25 9.40
C LEU A 773 -46.02 31.77 8.45
N MET A 774 -46.08 31.23 7.23
CA MET A 774 -47.05 31.76 6.23
C MET A 774 -48.15 30.73 5.97
N VAL A 775 -49.41 31.11 6.19
CA VAL A 775 -50.55 30.20 5.86
C VAL A 775 -50.71 30.20 4.34
N GLU A 776 -51.13 29.08 3.75
CA GLU A 776 -51.21 28.99 2.27
C GLU A 776 -52.67 29.15 1.82
N ARG A 777 -52.95 30.13 0.96
CA ARG A 777 -54.32 30.32 0.42
C ARG A 777 -54.72 29.12 -0.46
N GLY A 778 -53.78 28.61 -1.27
CA GLY A 778 -54.10 27.53 -2.22
C GLY A 778 -54.56 26.22 -1.58
N ASN A 779 -53.92 25.81 -0.48
CA ASN A 779 -54.26 24.49 0.14
C ASN A 779 -54.59 24.70 1.61
N VAL A 780 -55.30 23.76 2.24
CA VAL A 780 -55.72 23.98 3.65
C VAL A 780 -54.53 23.63 4.56
N SER A 781 -53.69 24.63 4.84
CA SER A 781 -52.50 24.42 5.70
C SER A 781 -52.82 24.87 7.12
N HIS A 782 -54.04 25.27 7.47
CA HIS A 782 -54.25 25.89 8.83
C HIS A 782 -54.40 24.89 10.00
N ALA A 783 -55.38 23.99 9.91
CA ALA A 783 -55.68 23.11 11.07
C ALA A 783 -54.47 22.28 11.47
N ALA A 784 -53.74 21.71 10.50
CA ALA A 784 -52.62 20.81 10.87
C ALA A 784 -51.59 21.60 11.68
N PHE A 785 -51.23 22.80 11.23
CA PHE A 785 -50.21 23.62 11.93
C PHE A 785 -50.73 23.97 13.33
N LEU A 786 -52.00 24.37 13.43
CA LEU A 786 -52.46 24.79 14.79
C LEU A 786 -52.35 23.58 15.72
N ARG A 787 -52.81 22.42 15.23
CA ARG A 787 -52.83 21.22 16.11
C ARG A 787 -51.40 20.89 16.52
N ASN A 788 -50.45 20.93 15.57
CA ASN A 788 -49.06 20.55 15.91
C ASN A 788 -48.52 21.49 16.98
N ALA A 789 -48.72 22.81 16.80
CA ALA A 789 -48.12 23.72 17.81
C ALA A 789 -48.74 23.45 19.19
N ARG A 790 -50.07 23.30 19.22
CA ARG A 790 -50.70 23.14 20.57
C ARG A 790 -50.18 21.85 21.21
N ASN A 791 -50.11 20.77 20.42
CA ASN A 791 -49.69 19.46 20.96
C ASN A 791 -48.27 19.59 21.49
N SER A 792 -47.37 20.23 20.74
CA SER A 792 -45.96 20.30 21.19
C SER A 792 -45.90 21.08 22.51
N GLU A 793 -46.61 22.22 22.60
CA GLU A 793 -46.46 22.98 23.87
C GLU A 793 -47.00 22.12 25.03
N GLU A 794 -48.16 21.50 24.84
CA GLU A 794 -48.77 20.75 25.97
C GLU A 794 -47.82 19.61 26.37
N THR A 795 -47.23 18.93 25.39
CA THR A 795 -46.34 17.78 25.67
C THR A 795 -45.10 18.24 26.43
N LEU A 796 -44.47 19.35 26.03
CA LEU A 796 -43.29 19.78 26.83
C LEU A 796 -43.74 20.07 28.27
N ARG A 797 -44.88 20.77 28.40
CA ARG A 797 -45.27 21.12 29.79
C ARG A 797 -45.46 19.83 30.61
N LYS A 798 -46.16 18.84 30.04
CA LYS A 798 -46.45 17.60 30.81
C LYS A 798 -45.16 16.84 31.13
N GLU A 799 -44.24 16.75 30.16
CA GLU A 799 -42.97 15.98 30.34
C GLU A 799 -42.05 16.67 31.36
N ALA A 800 -42.25 17.97 31.64
CA ALA A 800 -41.43 18.58 32.72
C ALA A 800 -41.56 17.85 34.09
N ILE A 801 -41.85 16.53 34.15
CA ILE A 801 -42.01 15.69 35.37
C ILE A 801 -41.57 14.26 35.01
N GLU A 802 -40.83 13.59 35.89
CA GLU A 802 -40.30 12.24 35.57
C GLU A 802 -41.45 11.23 35.58
N ARG A 803 -41.51 10.34 34.57
CA ARG A 803 -42.53 9.26 34.52
C ARG A 803 -43.96 9.85 34.58
N THR A 804 -44.20 11.00 33.95
CA THR A 804 -45.59 11.55 33.91
C THR A 804 -46.50 10.60 33.15
N ASP A 805 -46.06 10.11 31.99
CA ASP A 805 -46.93 9.25 31.15
C ASP A 805 -47.24 7.95 31.90
N LEU A 806 -46.22 7.36 32.54
CA LEU A 806 -46.41 6.08 33.28
C LEU A 806 -47.34 6.29 34.48
N SER A 807 -47.20 7.41 35.19
CA SER A 807 -48.11 7.70 36.33
C SER A 807 -49.55 7.88 35.83
N HIS A 808 -49.74 8.62 34.73
CA HIS A 808 -51.12 8.89 34.22
C HIS A 808 -51.79 7.61 33.74
N LEU A 809 -51.07 6.77 32.99
CA LEU A 809 -51.68 5.54 32.41
C LEU A 809 -50.79 4.33 32.76
N LYS A 810 -51.38 3.23 33.22
CA LYS A 810 -50.55 2.08 33.65
C LYS A 810 -50.61 0.97 32.59
N ASP A 811 -51.67 0.16 32.61
CA ASP A 811 -51.83 -0.92 31.61
C ASP A 811 -51.99 -0.32 30.21
N THR A 812 -52.77 0.75 30.07
CA THR A 812 -53.03 1.35 28.74
C THR A 812 -51.74 1.86 28.10
N SER A 813 -50.89 2.53 28.89
CA SER A 813 -49.61 3.06 28.35
C SER A 813 -48.73 1.91 27.87
N ARG A 814 -48.69 0.83 28.66
CA ARG A 814 -47.85 -0.33 28.29
C ARG A 814 -48.37 -0.93 26.98
N LEU A 815 -49.69 -1.08 26.85
CA LEU A 815 -50.25 -1.71 25.62
C LEU A 815 -49.97 -0.83 24.40
N ILE A 816 -50.18 0.49 24.52
CA ILE A 816 -50.01 1.38 23.34
C ILE A 816 -48.55 1.51 22.90
N SER A 817 -47.60 1.63 23.83
CA SER A 817 -46.20 1.89 23.41
C SER A 817 -45.19 0.85 23.92
N ILE A 818 -45.23 0.50 25.21
CA ILE A 818 -44.18 -0.41 25.76
C ILE A 818 -44.27 -1.77 25.04
N ASP A 819 -45.48 -2.30 24.87
CA ASP A 819 -45.65 -3.57 24.12
C ASP A 819 -45.25 -3.36 22.66
N ALA A 820 -45.63 -2.22 22.07
CA ALA A 820 -45.31 -1.94 20.65
C ALA A 820 -43.79 -1.84 20.44
N VAL A 821 -43.09 -1.18 21.37
CA VAL A 821 -41.61 -0.98 21.22
C VAL A 821 -40.90 -1.43 22.51
N PRO A 822 -40.71 -2.75 22.74
CA PRO A 822 -39.96 -3.21 23.91
C PRO A 822 -38.45 -3.01 23.73
N GLY A 823 -37.68 -3.03 24.82
CA GLY A 823 -36.21 -2.93 24.69
C GLY A 823 -35.68 -4.08 23.86
N THR A 824 -34.71 -3.84 22.98
CA THR A 824 -34.23 -4.90 22.06
C THR A 824 -32.77 -5.25 22.37
N VAL A 825 -32.32 -6.46 21.99
CA VAL A 825 -30.91 -6.92 22.21
C VAL A 825 -30.74 -7.42 23.65
N TYR A 826 -31.81 -7.41 24.44
CA TYR A 826 -31.75 -7.93 25.84
C TYR A 826 -31.39 -9.42 25.82
N LYS A 827 -31.96 -10.18 24.88
CA LYS A 827 -31.67 -11.64 24.78
C LYS A 827 -30.27 -11.85 24.20
N VAL A 828 -29.58 -12.98 24.33
CA VAL A 828 -28.24 -13.08 23.64
C VAL A 828 -28.36 -13.15 22.09
N GLU A 829 -29.40 -13.82 21.59
CA GLU A 829 -29.51 -14.07 20.13
C GLU A 829 -29.58 -12.78 19.30
N ALA A 830 -30.29 -11.74 19.76
CA ALA A 830 -30.42 -10.53 18.92
C ALA A 830 -29.04 -9.88 18.71
N THR A 831 -28.25 -9.80 19.79
CA THR A 831 -26.90 -9.20 19.67
C THR A 831 -26.11 -10.08 18.69
N GLY A 832 -26.22 -11.41 18.87
CA GLY A 832 -25.40 -12.22 17.95
C GLY A 832 -25.78 -11.95 16.50
N ALA A 833 -27.08 -11.89 16.19
CA ALA A 833 -27.53 -11.70 14.79
C ALA A 833 -27.08 -10.34 14.25
N MET A 834 -27.20 -9.26 15.03
CA MET A 834 -26.80 -7.95 14.45
C MET A 834 -25.30 -7.99 14.15
N VAL A 835 -24.54 -8.56 15.10
CA VAL A 835 -23.07 -8.56 14.89
C VAL A 835 -22.80 -9.33 13.60
N SER A 836 -23.49 -10.47 13.43
CA SER A 836 -23.26 -11.32 12.23
C SER A 836 -23.63 -10.56 10.94
N LEU A 837 -24.77 -9.87 10.86
CA LEU A 837 -25.08 -9.19 9.58
C LEU A 837 -24.00 -8.15 9.28
N ASN A 838 -23.60 -7.40 10.31
CA ASN A 838 -22.62 -6.31 10.00
C ASN A 838 -21.29 -6.94 9.52
N SER A 839 -20.89 -8.01 10.20
CA SER A 839 -19.61 -8.69 9.84
C SER A 839 -19.71 -9.22 8.41
N ALA A 840 -20.88 -9.77 8.02
CA ALA A 840 -21.06 -10.32 6.66
C ALA A 840 -20.83 -9.21 5.66
N VAL A 841 -21.50 -8.07 5.87
CA VAL A 841 -21.29 -7.06 4.78
C VAL A 841 -19.79 -6.73 4.72
N GLY A 842 -19.20 -6.47 5.89
CA GLY A 842 -17.80 -6.02 5.76
C GLY A 842 -16.90 -7.06 5.10
N LEU A 843 -16.99 -8.32 5.53
CA LEU A 843 -16.08 -9.38 5.03
C LEU A 843 -16.31 -9.60 3.55
N VAL A 844 -17.58 -9.67 3.11
CA VAL A 844 -17.74 -10.01 1.66
C VAL A 844 -17.10 -8.87 0.87
N HIS A 845 -17.40 -7.61 1.27
CA HIS A 845 -16.86 -6.55 0.40
C HIS A 845 -15.33 -6.64 0.37
N PHE A 846 -14.74 -6.75 1.57
CA PHE A 846 -13.25 -6.68 1.59
C PHE A 846 -12.66 -7.83 0.78
N TYR A 847 -13.12 -9.07 0.98
CA TYR A 847 -12.44 -10.21 0.30
C TYR A 847 -12.58 -10.07 -1.22
N CYS A 848 -13.80 -9.73 -1.65
CA CYS A 848 -13.97 -9.73 -3.13
C CYS A 848 -13.05 -8.66 -3.71
N SER A 849 -13.10 -7.46 -3.13
CA SER A 849 -12.30 -6.39 -3.78
C SER A 849 -10.80 -6.71 -3.70
N GLN A 850 -10.37 -7.30 -2.59
CA GLN A 850 -8.95 -7.63 -2.33
C GLN A 850 -8.37 -8.67 -3.30
N LEU A 851 -9.12 -9.71 -3.70
CA LEU A 851 -8.39 -10.74 -4.53
C LEU A 851 -8.11 -10.39 -6.03
N PRO A 852 -8.77 -10.95 -7.09
CA PRO A 852 -8.40 -10.70 -8.50
C PRO A 852 -8.19 -9.23 -8.91
N GLY A 853 -9.11 -8.34 -8.53
CA GLY A 853 -9.02 -6.91 -8.92
C GLY A 853 -8.97 -6.75 -10.43
N ASP A 854 -9.61 -7.66 -11.17
CA ASP A 854 -9.56 -7.63 -12.66
C ASP A 854 -10.28 -6.39 -13.19
N ARG A 855 -11.41 -6.01 -12.58
CA ARG A 855 -12.22 -4.87 -13.10
C ARG A 855 -12.48 -3.87 -11.97
N TYR A 856 -12.72 -2.61 -12.30
CA TYR A 856 -12.97 -1.56 -11.26
C TYR A 856 -14.21 -1.96 -10.46
N ALA A 857 -15.26 -2.42 -11.16
CA ALA A 857 -16.46 -2.92 -10.43
C ALA A 857 -16.81 -4.32 -10.96
N ILE A 858 -16.89 -5.31 -10.08
CA ILE A 858 -17.30 -6.68 -10.50
C ILE A 858 -18.55 -7.06 -9.71
N LEU A 859 -19.61 -7.51 -10.38
CA LEU A 859 -20.82 -7.97 -9.66
C LEU A 859 -20.65 -9.43 -9.24
N ARG A 860 -19.64 -9.72 -8.43
CA ARG A 860 -19.45 -11.10 -7.89
C ARG A 860 -20.62 -11.48 -6.98
N PRO A 861 -21.12 -10.60 -6.07
CA PRO A 861 -22.32 -10.91 -5.27
C PRO A 861 -23.60 -10.32 -5.86
N GLU A 862 -24.60 -11.16 -6.12
CA GLU A 862 -25.91 -10.69 -6.66
C GLU A 862 -27.03 -11.42 -5.92
N PHE A 863 -28.19 -10.79 -5.76
CA PHE A 863 -29.35 -11.46 -5.11
C PHE A 863 -30.55 -11.48 -6.05
N SER A 864 -31.18 -12.65 -6.21
CA SER A 864 -32.39 -12.78 -7.07
C SER A 864 -33.56 -13.21 -6.19
N MET A 865 -34.73 -12.58 -6.34
CA MET A 865 -35.86 -12.89 -5.42
C MET A 865 -36.98 -13.62 -6.17
N GLU A 866 -37.45 -14.74 -5.61
CA GLU A 866 -38.60 -15.48 -6.23
C GLU A 866 -39.75 -15.46 -5.23
N LYS A 867 -40.95 -15.07 -5.66
CA LYS A 867 -42.08 -14.94 -4.70
C LYS A 867 -42.47 -16.31 -4.15
N HIS A 868 -42.63 -16.41 -2.82
CA HIS A 868 -43.04 -17.68 -2.16
C HIS A 868 -44.37 -17.44 -1.44
N GLU A 869 -45.21 -16.53 -1.96
CA GLU A 869 -46.45 -16.16 -1.24
C GLU A 869 -47.30 -17.40 -0.95
N LYS A 870 -47.77 -17.53 0.30
CA LYS A 870 -48.59 -18.68 0.67
C LYS A 870 -49.99 -18.21 1.02
N PRO A 871 -51.01 -19.02 0.70
CA PRO A 871 -52.37 -18.65 1.09
C PRO A 871 -52.49 -18.51 2.60
N GLY A 872 -52.74 -17.29 3.07
CA GLY A 872 -52.85 -17.06 4.49
C GLY A 872 -52.70 -15.59 4.84
N GLY A 873 -52.60 -14.75 3.81
CA GLY A 873 -52.46 -13.32 4.04
C GLY A 873 -51.17 -12.96 4.75
N HIS A 874 -50.06 -13.54 4.31
CA HIS A 874 -48.77 -13.27 4.93
C HIS A 874 -47.73 -12.99 3.87
N THR A 875 -47.79 -13.56 2.64
CA THR A 875 -46.89 -13.47 1.46
C THR A 875 -45.45 -13.74 1.92
N GLU A 876 -44.70 -14.52 1.14
CA GLU A 876 -43.32 -14.91 1.54
C GLU A 876 -42.39 -14.70 0.35
N TYR A 877 -41.08 -14.58 0.59
CA TYR A 877 -40.11 -14.45 -0.53
C TYR A 877 -38.91 -15.37 -0.31
N SER A 878 -38.34 -15.90 -1.39
CA SER A 878 -37.10 -16.72 -1.27
C SER A 878 -35.97 -15.95 -1.95
N CYS A 879 -34.85 -15.73 -1.25
CA CYS A 879 -33.78 -14.90 -1.85
C CYS A 879 -32.62 -15.78 -2.33
N ARG A 880 -32.41 -15.84 -3.64
CA ARG A 880 -31.27 -16.60 -4.20
C ARG A 880 -30.00 -15.77 -4.01
N LEU A 881 -28.87 -16.40 -3.75
CA LEU A 881 -27.60 -15.63 -3.66
C LEU A 881 -26.65 -16.11 -4.75
N GLN A 882 -26.05 -15.18 -5.50
CA GLN A 882 -25.12 -15.56 -6.60
C GLN A 882 -23.70 -15.17 -6.18
N LEU A 883 -22.78 -16.14 -6.22
CA LEU A 883 -21.37 -15.88 -5.79
C LEU A 883 -20.42 -16.41 -6.87
N PRO A 884 -19.17 -15.93 -6.96
CA PRO A 884 -18.23 -16.35 -8.00
C PRO A 884 -17.71 -17.77 -7.77
N CYS A 885 -17.01 -18.33 -8.76
CA CYS A 885 -16.42 -19.69 -8.63
C CYS A 885 -15.42 -19.69 -7.47
N ASN A 886 -14.83 -18.53 -7.18
CA ASN A 886 -13.84 -18.41 -6.07
C ASN A 886 -14.50 -18.81 -4.74
N ALA A 887 -15.75 -18.39 -4.51
CA ALA A 887 -16.48 -18.83 -3.29
C ALA A 887 -17.44 -19.96 -3.63
N PRO A 888 -17.07 -21.25 -3.43
CA PRO A 888 -17.93 -22.38 -3.78
C PRO A 888 -19.19 -22.60 -2.92
N PHE A 889 -19.07 -22.50 -1.59
CA PHE A 889 -20.21 -22.83 -0.70
C PHE A 889 -20.95 -21.56 -0.23
N GLU A 890 -20.48 -20.39 -0.63
CA GLU A 890 -21.09 -19.12 -0.15
C GLU A 890 -22.55 -19.01 -0.61
N ILE A 891 -22.86 -19.53 -1.80
CA ILE A 891 -24.25 -19.44 -2.35
C ILE A 891 -25.23 -20.11 -1.38
N LEU A 892 -26.35 -19.45 -1.05
CA LEU A 892 -27.38 -20.06 -0.18
C LEU A 892 -28.75 -19.47 -0.56
N GLU A 893 -29.84 -20.23 -0.36
CA GLU A 893 -31.21 -19.69 -0.61
C GLU A 893 -32.01 -19.81 0.68
N GLY A 894 -32.65 -18.72 1.14
CA GLY A 894 -33.50 -18.82 2.34
C GLY A 894 -34.91 -18.26 2.12
N PRO A 895 -35.98 -19.08 2.22
CA PRO A 895 -37.35 -18.57 2.14
C PRO A 895 -38.06 -18.54 3.51
N VAL A 896 -37.33 -18.76 4.61
CA VAL A 896 -37.97 -18.87 5.95
C VAL A 896 -38.66 -17.56 6.36
N CYS A 897 -38.05 -16.40 6.09
CA CYS A 897 -38.64 -15.12 6.58
C CYS A 897 -39.73 -14.64 5.61
N SER A 898 -40.89 -14.25 6.15
CA SER A 898 -42.02 -13.77 5.32
C SER A 898 -41.65 -12.51 4.54
N SER A 899 -41.00 -11.54 5.22
CA SER A 899 -40.59 -10.28 4.55
C SER A 899 -39.44 -10.55 3.57
N MET A 900 -39.46 -9.89 2.41
CA MET A 900 -38.38 -10.05 1.41
C MET A 900 -37.06 -9.56 2.01
N ARG A 901 -37.08 -8.42 2.68
CA ARG A 901 -35.85 -7.84 3.30
C ARG A 901 -35.34 -8.79 4.39
N LEU A 902 -36.25 -9.33 5.21
CA LEU A 902 -35.86 -10.26 6.30
C LEU A 902 -35.27 -11.54 5.70
N ALA A 903 -35.85 -12.04 4.60
CA ALA A 903 -35.32 -13.25 3.94
C ALA A 903 -33.91 -12.97 3.42
N GLN A 904 -33.69 -11.79 2.84
CA GLN A 904 -32.33 -11.41 2.35
C GLN A 904 -31.38 -11.34 3.55
N GLN A 905 -31.85 -10.79 4.67
CA GLN A 905 -31.02 -10.67 5.89
C GLN A 905 -30.62 -12.08 6.37
N ALA A 906 -31.57 -13.02 6.35
CA ALA A 906 -31.28 -14.41 6.79
C ALA A 906 -30.21 -15.04 5.89
N VAL A 907 -30.32 -14.82 4.57
CA VAL A 907 -29.30 -15.37 3.62
C VAL A 907 -27.95 -14.71 3.94
N CYS A 908 -27.94 -13.41 4.22
CA CYS A 908 -26.68 -12.69 4.55
C CYS A 908 -26.10 -13.25 5.86
N LEU A 909 -26.95 -13.56 6.84
CA LEU A 909 -26.47 -14.10 8.14
C LEU A 909 -25.80 -15.46 7.90
N ALA A 910 -26.40 -16.32 7.08
CA ALA A 910 -25.81 -17.63 6.77
C ALA A 910 -24.48 -17.44 6.02
N ALA A 911 -24.44 -16.49 5.08
CA ALA A 911 -23.20 -16.21 4.32
C ALA A 911 -22.12 -15.70 5.29
N CYS A 912 -22.52 -14.88 6.26
CA CYS A 912 -21.54 -14.33 7.25
C CYS A 912 -20.91 -15.48 8.05
N LYS A 913 -21.70 -16.47 8.44
CA LYS A 913 -21.16 -17.64 9.17
C LYS A 913 -20.16 -18.37 8.27
N LYS A 914 -20.50 -18.51 6.98
CA LYS A 914 -19.59 -19.19 6.01
C LYS A 914 -18.30 -18.37 5.84
N LEU A 915 -18.41 -17.04 5.81
CA LEU A 915 -17.22 -16.16 5.72
C LEU A 915 -16.34 -16.37 6.97
N HIS A 916 -16.97 -16.53 8.14
CA HIS A 916 -16.20 -16.77 9.39
C HIS A 916 -15.42 -18.09 9.26
N GLU A 917 -16.03 -19.12 8.67
CA GLU A 917 -15.35 -20.42 8.49
C GLU A 917 -14.12 -20.23 7.58
N MET A 918 -14.26 -19.43 6.52
CA MET A 918 -13.11 -19.14 5.62
C MET A 918 -12.04 -18.37 6.42
N GLY A 919 -12.46 -17.44 7.27
CA GLY A 919 -11.52 -16.67 8.10
C GLY A 919 -10.73 -17.57 9.04
N ALA A 920 -11.39 -18.58 9.63
CA ALA A 920 -10.70 -19.54 10.52
C ALA A 920 -10.02 -18.79 11.66
N GLU A 975 55.31 -36.23 15.53
CA GLU A 975 54.42 -37.20 14.84
C GLU A 975 53.63 -36.48 13.74
N VAL A 976 54.29 -35.60 12.97
CA VAL A 976 53.59 -34.81 11.91
C VAL A 976 53.97 -35.39 10.54
N CYS A 977 52.96 -35.77 9.75
CA CYS A 977 53.23 -36.36 8.40
C CYS A 977 53.92 -35.30 7.55
N GLU A 978 54.97 -35.67 6.81
CA GLU A 978 55.60 -34.68 5.89
C GLU A 978 54.80 -34.64 4.59
N SER A 979 54.45 -33.44 4.12
CA SER A 979 53.74 -33.31 2.83
C SER A 979 54.58 -32.45 1.90
N SER A 980 54.91 -32.95 0.70
CA SER A 980 55.80 -32.19 -0.20
C SER A 980 55.01 -31.74 -1.43
N LYS A 981 55.07 -30.44 -1.74
CA LYS A 981 54.35 -29.91 -2.93
C LYS A 981 55.35 -29.75 -4.07
N LEU A 982 55.06 -30.36 -5.22
CA LEU A 982 56.01 -30.34 -6.37
C LEU A 982 55.57 -29.24 -7.34
N PHE A 983 56.47 -28.34 -7.71
CA PHE A 983 56.10 -27.21 -8.60
C PHE A 983 56.67 -27.46 -9.99
N HIS A 984 55.82 -27.31 -11.03
CA HIS A 984 56.28 -27.59 -12.41
C HIS A 984 55.91 -26.41 -13.33
N SER A 1007 64.64 -25.63 -4.20
CA SER A 1007 64.26 -26.99 -3.75
C SER A 1007 62.80 -27.00 -3.30
N GLU A 1008 62.08 -28.11 -3.55
CA GLU A 1008 60.63 -28.17 -3.25
C GLU A 1008 60.39 -27.96 -1.75
N PHE A 1009 59.39 -27.14 -1.40
CA PHE A 1009 59.08 -26.86 0.01
C PHE A 1009 58.19 -27.97 0.59
N ALA A 1010 58.51 -28.45 1.79
CA ALA A 1010 57.72 -29.53 2.42
C ALA A 1010 57.05 -28.99 3.69
N ILE A 1011 55.74 -29.24 3.85
CA ILE A 1011 54.99 -28.73 5.03
C ILE A 1011 54.65 -29.90 5.97
N LEU A 1012 54.91 -29.75 7.26
CA LEU A 1012 54.64 -30.84 8.23
C LEU A 1012 53.21 -30.67 8.76
N PHE A 1013 52.33 -31.62 8.48
CA PHE A 1013 50.91 -31.54 8.93
C PHE A 1013 50.55 -32.82 9.69
N GLY A 1014 49.94 -32.68 10.87
CA GLY A 1014 49.56 -33.85 11.68
C GLY A 1014 48.52 -34.69 10.97
N ASN A 1015 47.53 -34.06 10.34
CA ASN A 1015 46.48 -34.80 9.58
C ASN A 1015 47.07 -35.34 8.28
N GLU A 1016 46.78 -36.60 7.94
CA GLU A 1016 47.23 -37.16 6.64
C GLU A 1016 46.46 -36.47 5.51
N LEU A 1017 47.15 -36.11 4.42
CA LEU A 1017 46.48 -35.44 3.27
C LEU A 1017 45.50 -36.43 2.61
N ASP A 1018 44.36 -35.93 2.13
CA ASP A 1018 43.34 -36.79 1.49
C ASP A 1018 43.43 -36.59 -0.03
N ALA A 1019 43.58 -37.68 -0.78
CA ALA A 1019 43.79 -37.56 -2.25
C ALA A 1019 42.59 -36.88 -2.92
N GLU A 1020 41.37 -37.22 -2.52
CA GLU A 1020 40.16 -36.67 -3.19
C GLU A 1020 40.10 -35.14 -3.00
N VAL A 1021 40.39 -34.65 -1.79
CA VAL A 1021 40.38 -33.18 -1.53
C VAL A 1021 41.51 -32.50 -2.32
N LEU A 1022 42.68 -33.14 -2.43
CA LEU A 1022 43.85 -32.54 -3.13
C LEU A 1022 43.59 -32.44 -4.63
N SER A 1023 44.15 -31.43 -5.29
CA SER A 1023 44.01 -31.28 -6.76
C SER A 1023 45.35 -31.59 -7.43
N MET A 1024 45.34 -32.45 -8.46
CA MET A 1024 46.61 -32.87 -9.12
C MET A 1024 47.30 -31.65 -9.74
N SER A 1025 46.54 -30.76 -10.36
CA SER A 1025 47.15 -29.58 -11.03
C SER A 1025 46.53 -28.28 -10.51
N MET A 1026 47.36 -27.33 -10.06
CA MET A 1026 46.84 -26.00 -9.64
C MET A 1026 47.63 -24.92 -10.37
N ASP A 1027 46.96 -24.01 -11.06
CA ASP A 1027 47.65 -22.96 -11.87
C ASP A 1027 48.29 -21.90 -10.96
N LEU A 1028 49.37 -21.26 -11.41
CA LEU A 1028 50.02 -20.17 -10.63
C LEU A 1028 49.80 -18.86 -11.38
N TYR A 1029 49.34 -17.83 -10.67
CA TYR A 1029 49.04 -16.52 -11.33
C TYR A 1029 50.33 -15.69 -11.45
N VAL A 1030 51.27 -16.13 -12.29
CA VAL A 1030 52.53 -15.36 -12.51
C VAL A 1030 52.67 -15.10 -14.02
N ALA A 1031 52.93 -13.85 -14.40
CA ALA A 1031 53.04 -13.48 -15.84
C ALA A 1031 54.24 -14.18 -16.50
N ARG A 1032 55.37 -14.28 -15.79
CA ARG A 1032 56.60 -14.84 -16.41
C ARG A 1032 56.40 -16.29 -16.86
N ALA A 1033 55.79 -17.13 -16.02
CA ALA A 1033 55.67 -18.57 -16.37
C ALA A 1033 54.40 -19.17 -15.77
N MET A 1034 53.93 -20.30 -16.32
CA MET A 1034 52.75 -20.99 -15.75
C MET A 1034 53.26 -22.20 -14.95
N ILE A 1035 52.91 -22.29 -13.67
CA ILE A 1035 53.44 -23.37 -12.81
C ILE A 1035 52.28 -24.22 -12.28
N THR A 1036 52.39 -25.55 -12.35
CA THR A 1036 51.34 -26.44 -11.77
C THR A 1036 51.89 -27.08 -10.49
N LYS A 1037 51.15 -26.98 -9.38
CA LYS A 1037 51.68 -27.49 -8.08
C LYS A 1037 50.83 -28.66 -7.58
N ALA A 1038 51.49 -29.77 -7.20
CA ALA A 1038 50.77 -30.96 -6.69
C ALA A 1038 51.29 -31.28 -5.28
N SER A 1039 50.39 -31.43 -4.31
CA SER A 1039 50.81 -31.69 -2.90
C SER A 1039 50.33 -33.07 -2.46
N LEU A 1040 51.23 -33.89 -1.92
CA LEU A 1040 50.83 -35.23 -1.38
C LEU A 1040 51.67 -35.52 -0.13
N ALA A 1041 51.14 -36.33 0.80
CA ALA A 1041 51.94 -36.72 1.98
C ALA A 1041 52.68 -38.02 1.64
N PHE A 1042 54.01 -37.96 1.56
CA PHE A 1042 54.80 -39.17 1.18
C PHE A 1042 55.18 -39.96 2.44
N LYS A 1043 54.90 -39.40 3.62
CA LYS A 1043 55.18 -40.11 4.90
C LYS A 1043 53.98 -39.94 5.83
N GLY A 1044 53.76 -40.88 6.74
CA GLY A 1044 52.66 -40.76 7.71
C GLY A 1044 53.16 -40.69 9.13
N SER A 1045 52.74 -39.66 9.89
CA SER A 1045 53.14 -39.52 11.32
C SER A 1045 54.66 -39.52 11.46
N LEU A 1046 55.36 -38.83 10.55
CA LEU A 1046 56.85 -38.76 10.63
C LEU A 1046 57.25 -38.01 11.91
N ASP A 1047 58.29 -38.48 12.60
CA ASP A 1047 58.68 -37.85 13.88
C ASP A 1047 59.98 -37.05 13.67
N ILE A 1048 59.98 -35.78 14.09
CA ILE A 1048 61.18 -34.90 13.92
C ILE A 1048 61.68 -34.55 15.34
N THR A 1049 63.00 -34.53 15.53
CA THR A 1049 63.56 -34.27 16.88
C THR A 1049 63.16 -32.87 17.34
N GLU A 1050 62.90 -32.69 18.64
CA GLU A 1050 62.41 -31.38 19.15
C GLU A 1050 63.47 -30.29 18.91
N ASN A 1051 64.75 -30.60 19.08
CA ASN A 1051 65.82 -29.61 18.81
C ASN A 1051 65.80 -29.23 17.32
N GLN A 1052 65.63 -30.23 16.44
CA GLN A 1052 65.54 -29.94 14.99
C GLN A 1052 64.28 -29.08 14.73
N LEU A 1053 63.17 -29.42 15.39
CA LEU A 1053 61.90 -28.68 15.16
C LEU A 1053 62.08 -27.21 15.58
N SER A 1054 62.73 -26.97 16.72
CA SER A 1054 62.92 -25.58 17.21
C SER A 1054 63.77 -24.80 16.22
N SER A 1055 64.83 -25.43 15.69
CA SER A 1055 65.70 -24.77 14.69
C SER A 1055 64.89 -24.47 13.43
N LEU A 1056 64.03 -25.40 13.01
CA LEU A 1056 63.20 -25.21 11.79
C LEU A 1056 62.26 -24.02 12.02
N LYS A 1057 61.66 -23.92 13.20
CA LYS A 1057 60.70 -22.80 13.49
C LYS A 1057 61.44 -21.46 13.42
N LYS A 1058 62.64 -21.39 14.02
CA LYS A 1058 63.44 -20.15 14.00
C LYS A 1058 63.83 -19.82 12.55
N PHE A 1059 64.23 -20.84 11.79
CA PHE A 1059 64.60 -20.63 10.36
C PHE A 1059 63.36 -20.16 9.59
N HIS A 1060 62.20 -20.77 9.86
CA HIS A 1060 60.98 -20.43 9.08
C HIS A 1060 60.59 -18.97 9.32
N VAL A 1061 60.64 -18.50 10.57
CA VAL A 1061 60.22 -17.10 10.87
C VAL A 1061 61.20 -16.13 10.20
N ARG A 1062 62.50 -16.43 10.23
CA ARG A 1062 63.48 -15.56 9.51
C ARG A 1062 63.18 -15.63 8.01
N LEU A 1063 62.90 -16.83 7.49
CA LEU A 1063 62.60 -17.02 6.05
C LEU A 1063 61.31 -16.28 5.66
N MET A 1064 60.28 -16.30 6.50
CA MET A 1064 58.98 -15.71 6.07
C MET A 1064 58.58 -14.46 6.87
N SER A 1065 58.47 -14.56 8.20
CA SER A 1065 57.93 -13.41 8.98
C SER A 1065 58.81 -12.17 8.83
N ILE A 1066 60.13 -12.33 8.91
CA ILE A 1066 61.07 -11.18 8.77
C ILE A 1066 60.97 -10.60 7.34
N VAL A 1067 60.93 -11.48 6.33
CA VAL A 1067 60.88 -11.00 4.91
C VAL A 1067 59.57 -10.23 4.67
N LEU A 1068 58.46 -10.74 5.19
CA LEU A 1068 57.14 -10.07 5.02
C LEU A 1068 57.17 -8.71 5.72
N ASP A 1069 57.79 -8.63 6.90
CA ASP A 1069 57.86 -7.36 7.68
C ASP A 1069 56.44 -6.88 7.99
N TYR A 1085 51.79 -26.99 9.04
CA TYR A 1085 52.05 -25.88 10.00
C TYR A 1085 53.47 -25.34 9.80
N LEU A 1086 54.44 -26.23 9.57
CA LEU A 1086 55.86 -25.78 9.44
C LEU A 1086 56.34 -26.08 8.01
N PHE A 1087 56.86 -25.06 7.31
CA PHE A 1087 57.30 -25.24 5.91
C PHE A 1087 58.83 -25.21 5.84
N VAL A 1088 59.46 -26.30 5.40
CA VAL A 1088 60.93 -26.33 5.22
C VAL A 1088 61.25 -26.87 3.82
N PRO A 1089 62.06 -26.17 2.99
CA PRO A 1089 62.46 -26.70 1.68
C PRO A 1089 63.32 -27.97 1.83
N VAL A 1090 63.05 -28.98 1.00
CA VAL A 1090 63.83 -30.25 1.05
C VAL A 1090 64.51 -30.46 -0.30
N THR A 1091 65.82 -30.73 -0.30
CA THR A 1091 66.55 -31.02 -1.57
C THR A 1091 65.99 -32.31 -2.18
N GLY A 1101 65.45 -35.05 1.65
CA GLY A 1101 66.54 -34.67 2.58
C GLY A 1101 66.41 -33.23 3.05
N ILE A 1102 66.05 -33.04 4.32
CA ILE A 1102 65.88 -31.67 4.90
C ILE A 1102 67.22 -30.95 4.84
N ASN A 1103 67.20 -29.66 4.48
CA ASN A 1103 68.45 -28.86 4.39
C ASN A 1103 68.81 -28.35 5.79
N TRP A 1104 69.28 -29.23 6.67
CA TRP A 1104 69.56 -28.84 8.08
C TRP A 1104 70.66 -27.78 8.14
N GLU A 1105 71.71 -27.91 7.31
CA GLU A 1105 72.84 -26.95 7.36
C GLU A 1105 72.34 -25.55 6.99
N LEU A 1106 71.50 -25.45 5.95
CA LEU A 1106 70.92 -24.14 5.54
C LEU A 1106 70.05 -23.61 6.69
N VAL A 1107 69.27 -24.50 7.32
CA VAL A 1107 68.35 -24.08 8.41
C VAL A 1107 69.18 -23.46 9.54
N GLU A 1108 70.32 -24.07 9.87
CA GLU A 1108 71.18 -23.56 10.97
C GLU A 1108 71.68 -22.14 10.62
N LYS A 1109 72.11 -21.93 9.38
CA LYS A 1109 72.63 -20.60 8.97
C LYS A 1109 71.52 -19.56 9.07
N ILE A 1110 70.31 -19.90 8.59
CA ILE A 1110 69.16 -18.95 8.62
C ILE A 1110 68.78 -18.66 10.08
N THR A 1111 68.86 -19.66 10.95
CA THR A 1111 68.55 -19.47 12.39
C THR A 1111 69.53 -18.45 12.97
N LYS A 1112 70.81 -18.55 12.60
CA LYS A 1112 71.82 -17.58 13.10
C LYS A 1112 71.50 -16.17 12.59
N THR A 1113 71.10 -16.05 11.32
CA THR A 1113 70.73 -14.73 10.74
C THR A 1113 69.40 -14.26 11.35
N LEU A 1199 89.28 -1.77 2.20
CA LEU A 1199 87.93 -1.74 1.57
C LEU A 1199 87.53 -3.14 1.10
N MET A 1200 86.25 -3.49 1.25
CA MET A 1200 85.75 -4.82 0.80
C MET A 1200 85.87 -4.90 -0.72
N MET A 1201 86.28 -6.06 -1.25
CA MET A 1201 86.36 -6.25 -2.73
C MET A 1201 85.32 -7.29 -3.13
N ALA A 1202 84.52 -6.99 -4.15
CA ALA A 1202 83.43 -7.91 -4.58
C ALA A 1202 84.03 -9.23 -5.10
N ASP A 1203 83.41 -10.36 -4.74
CA ASP A 1203 83.88 -11.69 -5.24
C ASP A 1203 82.75 -12.32 -6.04
N GLY A 1204 83.05 -12.82 -7.25
CA GLY A 1204 81.99 -13.39 -8.11
C GLY A 1204 81.33 -14.60 -7.49
N CYS A 1205 82.11 -15.49 -6.88
CA CYS A 1205 81.56 -16.72 -6.25
C CYS A 1205 80.62 -16.34 -5.10
N MET A 1206 81.01 -15.36 -4.28
CA MET A 1206 80.19 -14.93 -3.13
C MET A 1206 78.87 -14.34 -3.62
N VAL A 1207 78.89 -13.56 -4.71
CA VAL A 1207 77.66 -12.86 -5.18
C VAL A 1207 76.89 -13.71 -6.20
N ALA A 1208 77.34 -14.94 -6.47
CA ALA A 1208 76.66 -15.73 -7.53
C ALA A 1208 75.19 -15.93 -7.13
N GLU A 1209 74.92 -16.28 -5.87
CA GLU A 1209 73.52 -16.36 -5.39
C GLU A 1209 73.46 -15.80 -3.96
N ASP A 1210 72.95 -14.59 -3.79
CA ASP A 1210 72.86 -13.94 -2.45
C ASP A 1210 71.85 -12.80 -2.49
N LEU A 1211 71.42 -12.32 -1.31
CA LEU A 1211 70.49 -11.16 -1.26
C LEU A 1211 71.20 -10.01 -0.52
N ILE A 1212 71.15 -8.79 -1.05
CA ILE A 1212 71.93 -7.69 -0.42
C ILE A 1212 70.98 -6.67 0.22
N GLY A 1213 71.21 -6.33 1.49
CA GLY A 1213 70.34 -5.37 2.20
C GLY A 1213 71.08 -4.09 2.51
N LYS A 1214 70.50 -2.95 2.15
CA LYS A 1214 71.17 -1.63 2.37
C LYS A 1214 71.37 -1.41 3.88
N ARG A 1224 65.97 -6.58 0.63
CA ARG A 1224 67.12 -7.42 0.18
C ARG A 1224 66.90 -7.73 -1.30
N PHE A 1225 67.94 -7.66 -2.13
CA PHE A 1225 67.77 -7.85 -3.59
C PHE A 1225 68.68 -8.96 -4.11
N TYR A 1226 68.18 -9.78 -5.03
CA TYR A 1226 68.99 -10.89 -5.61
C TYR A 1226 70.18 -10.30 -6.39
N VAL A 1227 71.34 -10.94 -6.32
CA VAL A 1227 72.50 -10.46 -7.14
C VAL A 1227 72.76 -11.50 -8.23
N ASP A 1228 72.50 -11.16 -9.50
CA ASP A 1228 72.86 -12.11 -10.60
C ASP A 1228 74.38 -12.21 -10.69
N SER A 1229 75.08 -11.07 -10.66
CA SER A 1229 76.56 -11.04 -10.75
C SER A 1229 77.07 -9.65 -10.38
N ILE A 1230 78.38 -9.49 -10.19
CA ILE A 1230 78.94 -8.12 -9.95
C ILE A 1230 79.55 -7.64 -11.28
N CYS A 1231 79.18 -6.43 -11.71
CA CYS A 1231 79.68 -5.92 -13.02
C CYS A 1231 80.93 -5.08 -12.77
N TYR A 1232 82.09 -5.56 -13.23
CA TYR A 1232 83.36 -4.80 -13.06
C TYR A 1232 83.27 -3.48 -13.84
N ASP A 1233 82.65 -3.51 -15.01
CA ASP A 1233 82.56 -2.30 -15.87
C ASP A 1233 81.82 -1.20 -15.10
N MET A 1234 80.73 -1.55 -14.40
CA MET A 1234 80.04 -0.55 -13.56
C MET A 1234 80.92 -0.26 -12.34
N SER A 1235 81.18 1.01 -12.03
CA SER A 1235 82.10 1.35 -10.91
C SER A 1235 81.68 2.69 -10.29
N ALA A 1236 82.15 2.97 -9.08
CA ALA A 1236 81.86 4.29 -8.45
C ALA A 1236 82.46 5.38 -9.32
N GLU A 1237 83.64 5.13 -9.91
CA GLU A 1237 84.31 6.13 -10.78
C GLU A 1237 83.45 6.44 -12.01
N THR A 1238 82.78 5.44 -12.58
CA THR A 1238 82.00 5.67 -13.84
C THR A 1238 80.89 6.69 -13.59
N SER A 1239 80.60 7.54 -14.57
CA SER A 1239 79.59 8.62 -14.41
C SER A 1239 78.18 8.06 -14.24
N PHE A 1240 77.34 8.75 -13.46
CA PHE A 1240 75.94 8.30 -13.27
C PHE A 1240 75.02 9.24 -14.07
N PRO A 1241 74.19 8.71 -15.01
CA PRO A 1241 73.31 9.55 -15.83
C PRO A 1241 72.11 10.11 -15.06
N ARG A 1242 71.55 11.23 -15.53
CA ARG A 1242 70.32 11.76 -14.87
C ARG A 1242 69.10 11.38 -15.71
N LYS A 1243 68.22 10.53 -15.18
CA LYS A 1243 67.03 10.06 -15.93
C LYS A 1243 66.07 11.21 -16.21
N GLU A 1244 65.87 12.12 -15.25
CA GLU A 1244 64.86 13.19 -15.43
C GLU A 1244 65.52 14.56 -15.50
N GLY A 1245 65.26 15.33 -16.56
CA GLY A 1245 65.78 16.71 -16.63
C GLY A 1245 64.69 17.73 -16.31
N TYR A 1246 63.46 17.26 -16.13
CA TYR A 1246 62.31 18.18 -15.84
C TYR A 1246 62.52 18.89 -14.50
N LEU A 1247 62.99 18.16 -13.49
CA LEU A 1247 63.22 18.75 -12.15
C LEU A 1247 64.61 19.40 -12.12
N GLY A 1248 65.39 19.22 -13.17
CA GLY A 1248 66.77 19.75 -13.21
C GLY A 1248 67.64 19.31 -12.04
N PRO A 1249 67.68 18.02 -11.62
CA PRO A 1249 68.58 17.59 -10.55
C PRO A 1249 70.02 17.66 -11.06
N LEU A 1250 70.98 17.95 -10.17
CA LEU A 1250 72.39 18.11 -10.61
C LEU A 1250 72.87 16.79 -11.22
N GLU A 1251 73.56 16.87 -12.37
CA GLU A 1251 74.10 15.65 -13.02
C GLU A 1251 75.23 15.10 -12.15
N TYR A 1252 75.38 13.77 -12.11
CA TYR A 1252 76.38 13.16 -11.19
C TYR A 1252 77.65 12.82 -11.97
N ASN A 1253 78.79 13.41 -11.55
CA ASN A 1253 80.08 13.15 -12.23
C ASN A 1253 80.46 11.68 -12.08
N THR A 1254 80.17 11.08 -10.91
CA THR A 1254 80.53 9.67 -10.65
C THR A 1254 79.32 8.93 -10.05
N TYR A 1255 79.32 7.59 -10.10
CA TYR A 1255 78.25 6.80 -9.44
C TYR A 1255 78.32 7.10 -7.94
N ALA A 1256 79.54 7.24 -7.41
CA ALA A 1256 79.73 7.56 -5.98
C ALA A 1256 79.09 8.92 -5.67
N ASP A 1257 79.18 9.88 -6.61
CA ASP A 1257 78.55 11.21 -6.41
C ASP A 1257 77.03 11.03 -6.27
N TYR A 1258 76.44 10.15 -7.06
CA TYR A 1258 74.97 9.88 -6.92
C TYR A 1258 74.69 9.31 -5.53
N TYR A 1259 75.53 8.39 -5.05
CA TYR A 1259 75.33 7.79 -3.71
C TYR A 1259 75.44 8.90 -2.66
N LYS A 1260 76.41 9.80 -2.83
CA LYS A 1260 76.60 10.90 -1.85
C LYS A 1260 75.37 11.81 -1.85
N GLN A 1261 74.82 12.12 -3.02
CA GLN A 1261 73.57 12.93 -3.06
C GLN A 1261 72.40 12.13 -2.47
N LYS A 1262 72.24 10.87 -2.87
CA LYS A 1262 71.06 10.07 -2.42
C LYS A 1262 71.11 9.67 -0.94
N TYR A 1263 72.24 9.18 -0.45
CA TYR A 1263 72.29 8.66 0.95
C TYR A 1263 73.35 9.37 1.79
N GLY A 1264 74.00 10.41 1.27
CA GLY A 1264 75.10 11.05 2.00
C GLY A 1264 76.24 10.09 2.27
N VAL A 1265 76.52 9.18 1.32
CA VAL A 1265 77.59 8.16 1.52
C VAL A 1265 78.50 8.13 0.28
N ASP A 1266 79.80 7.91 0.47
CA ASP A 1266 80.75 7.82 -0.67
C ASP A 1266 81.37 6.42 -0.66
N LEU A 1267 81.34 5.72 -1.80
CA LEU A 1267 81.93 4.36 -1.88
C LEU A 1267 83.44 4.45 -1.67
N ASN A 1268 84.00 3.57 -0.84
CA ASN A 1268 85.46 3.61 -0.54
C ASN A 1268 86.29 3.31 -1.81
N CYS A 1269 85.85 2.36 -2.64
CA CYS A 1269 86.66 1.97 -3.82
C CYS A 1269 86.03 2.48 -5.11
N LYS A 1270 86.76 3.30 -5.87
CA LYS A 1270 86.24 3.86 -7.16
C LYS A 1270 86.04 2.75 -8.20
N GLN A 1271 86.95 1.77 -8.26
CA GLN A 1271 86.87 0.73 -9.33
C GLN A 1271 86.08 -0.50 -8.84
N GLN A 1272 85.48 -0.42 -7.66
CA GLN A 1272 84.76 -1.59 -7.09
C GLN A 1272 83.66 -2.03 -8.05
N PRO A 1273 83.50 -3.35 -8.34
CA PRO A 1273 82.42 -3.84 -9.19
C PRO A 1273 81.07 -3.56 -8.53
N LEU A 1274 80.04 -3.28 -9.34
CA LEU A 1274 78.72 -2.91 -8.75
C LEU A 1274 77.70 -4.05 -8.94
N ILE A 1275 76.94 -4.35 -7.88
CA ILE A 1275 75.96 -5.47 -7.93
C ILE A 1275 74.88 -5.21 -8.98
N LYS A 1276 74.51 -6.23 -9.75
CA LYS A 1276 73.46 -6.08 -10.80
C LYS A 1276 72.12 -5.74 -10.14
N GLY A 1277 71.38 -4.78 -10.71
CA GLY A 1277 70.09 -4.37 -10.12
C GLY A 1277 69.00 -5.40 -10.34
N ARG A 1278 68.29 -5.78 -9.27
CA ARG A 1278 67.16 -6.75 -9.39
C ARG A 1278 66.05 -6.32 -8.44
N GLY A 1279 64.79 -6.70 -8.72
CA GLY A 1279 63.71 -6.35 -7.78
C GLY A 1279 62.97 -7.57 -7.25
N VAL A 1280 63.06 -7.84 -5.94
CA VAL A 1280 62.28 -8.94 -5.31
C VAL A 1280 60.80 -8.56 -5.42
N SER A 1281 60.50 -7.27 -5.28
CA SER A 1281 59.10 -6.78 -5.34
C SER A 1281 58.54 -6.94 -6.75
N TYR A 1282 57.20 -6.92 -6.89
CA TYR A 1282 56.57 -7.16 -8.21
C TYR A 1282 57.13 -6.13 -9.19
N VAL A 1300 59.70 -1.17 -13.48
CA VAL A 1300 60.02 -2.54 -13.99
C VAL A 1300 61.53 -2.80 -13.88
N LEU A 1301 62.05 -3.75 -14.66
CA LEU A 1301 63.49 -4.14 -14.59
C LEU A 1301 64.40 -2.96 -14.94
N ASP A 1302 64.02 -2.13 -15.91
CA ASP A 1302 64.91 -1.01 -16.36
C ASP A 1302 65.19 -0.08 -15.17
N LYS A 1303 64.19 0.17 -14.32
CA LYS A 1303 64.38 1.04 -13.14
C LYS A 1303 65.42 0.41 -12.20
N THR A 1304 65.35 -0.91 -11.99
CA THR A 1304 66.35 -1.61 -11.13
C THR A 1304 67.73 -1.52 -11.79
N TYR A 1305 67.80 -1.67 -13.12
CA TYR A 1305 69.10 -1.61 -13.84
C TYR A 1305 69.71 -0.22 -13.70
N TYR A 1306 68.88 0.83 -13.68
CA TYR A 1306 69.39 2.23 -13.63
C TYR A 1306 70.21 2.44 -12.35
N VAL A 1307 69.76 1.87 -11.22
CA VAL A 1307 70.47 2.09 -9.92
C VAL A 1307 71.28 0.85 -9.54
N PHE A 1308 72.57 1.01 -9.26
CA PHE A 1308 73.44 -0.14 -8.89
C PHE A 1308 73.87 0.03 -7.43
N LEU A 1309 73.77 -1.04 -6.63
CA LEU A 1309 74.09 -0.93 -5.18
C LEU A 1309 75.46 -1.55 -4.89
N PRO A 1310 76.39 -0.83 -4.22
CA PRO A 1310 77.72 -1.35 -3.93
C PRO A 1310 77.74 -2.58 -3.01
N PRO A 1311 78.62 -3.57 -3.25
CA PRO A 1311 78.72 -4.75 -2.38
C PRO A 1311 79.17 -4.38 -0.95
N GLU A 1312 80.09 -3.43 -0.84
CA GLU A 1312 80.59 -3.01 0.50
C GLU A 1312 79.43 -2.42 1.31
N LEU A 1313 78.60 -1.59 0.66
CA LEU A 1313 77.44 -0.95 1.36
C LEU A 1313 76.40 -1.99 1.78
N CYS A 1314 76.11 -2.99 0.94
CA CYS A 1314 75.01 -3.94 1.27
C CYS A 1314 75.55 -5.32 1.65
N VAL A 1315 75.18 -5.81 2.85
CA VAL A 1315 75.70 -7.12 3.35
C VAL A 1315 75.10 -8.28 2.54
N VAL A 1316 75.88 -9.34 2.32
CA VAL A 1316 75.41 -10.55 1.57
C VAL A 1316 74.47 -11.38 2.47
N HIS A 1317 73.59 -12.19 1.88
CA HIS A 1317 72.70 -13.07 2.67
C HIS A 1317 72.91 -14.53 2.26
N PRO A 1318 73.01 -15.48 3.22
CA PRO A 1318 73.22 -16.91 2.91
C PRO A 1318 72.08 -17.52 2.08
N LEU A 1319 70.83 -17.13 2.32
CA LEU A 1319 69.68 -17.74 1.62
C LEU A 1319 69.82 -17.53 0.11
N SER A 1320 69.56 -18.58 -0.67
CA SER A 1320 69.65 -18.49 -2.15
C SER A 1320 68.48 -17.67 -2.71
N GLY A 1321 68.70 -16.96 -3.82
CA GLY A 1321 67.64 -16.14 -4.44
C GLY A 1321 66.47 -16.98 -4.90
N SER A 1322 66.74 -18.16 -5.47
CA SER A 1322 65.66 -19.05 -5.99
C SER A 1322 64.75 -19.48 -4.83
N LEU A 1323 65.34 -19.80 -3.68
CA LEU A 1323 64.54 -20.19 -2.48
C LEU A 1323 63.67 -19.01 -2.05
N ILE A 1324 64.22 -17.79 -2.10
CA ILE A 1324 63.45 -16.57 -1.73
C ILE A 1324 62.27 -16.39 -2.70
N ARG A 1325 62.47 -16.68 -3.99
CA ARG A 1325 61.35 -16.60 -4.96
C ARG A 1325 60.26 -17.60 -4.54
N GLY A 1326 60.65 -18.81 -4.14
CA GLY A 1326 59.68 -19.80 -3.64
C GLY A 1326 59.01 -19.30 -2.37
N ALA A 1327 59.80 -18.67 -1.49
CA ALA A 1327 59.26 -18.10 -0.22
C ALA A 1327 58.23 -17.01 -0.54
N GLN A 1328 58.49 -16.20 -1.57
CA GLN A 1328 57.55 -15.12 -1.97
C GLN A 1328 56.21 -15.73 -2.38
N ARG A 1329 56.25 -16.86 -3.10
CA ARG A 1329 54.99 -17.53 -3.55
C ARG A 1329 54.40 -18.37 -2.43
N LEU A 1330 55.15 -18.61 -1.34
CA LEU A 1330 54.67 -19.50 -0.25
C LEU A 1330 53.40 -18.99 0.44
N PRO A 1331 53.19 -17.69 0.76
CA PRO A 1331 51.94 -17.24 1.39
C PRO A 1331 50.71 -17.54 0.53
N SER A 1332 50.80 -17.32 -0.79
CA SER A 1332 49.67 -17.65 -1.70
C SER A 1332 49.40 -19.16 -1.65
N ILE A 1333 50.46 -19.98 -1.60
CA ILE A 1333 50.29 -21.46 -1.48
C ILE A 1333 49.58 -21.77 -0.16
N MET A 1334 49.95 -21.06 0.92
CA MET A 1334 49.32 -21.29 2.25
C MET A 1334 47.83 -20.94 2.18
N ARG A 1335 47.47 -19.86 1.47
CA ARG A 1335 46.04 -19.49 1.31
C ARG A 1335 45.32 -20.60 0.56
N ARG A 1336 45.96 -21.17 -0.46
CA ARG A 1336 45.37 -22.30 -1.23
C ARG A 1336 45.18 -23.49 -0.29
N VAL A 1337 46.15 -23.74 0.60
CA VAL A 1337 46.06 -24.87 1.57
C VAL A 1337 44.86 -24.64 2.50
N GLU A 1338 44.64 -23.40 2.92
CA GLU A 1338 43.47 -23.08 3.79
C GLU A 1338 42.18 -23.39 3.03
N SER A 1339 42.14 -23.06 1.73
CA SER A 1339 40.94 -23.39 0.90
C SER A 1339 40.76 -24.91 0.81
N MET A 1340 41.87 -25.65 0.68
CA MET A 1340 41.80 -27.13 0.63
C MET A 1340 41.25 -27.66 1.96
N LEU A 1341 41.68 -27.08 3.09
CA LEU A 1341 41.14 -27.49 4.42
C LEU A 1341 39.64 -27.20 4.47
N LEU A 1342 39.23 -26.05 3.93
CA LEU A 1342 37.78 -25.70 3.87
C LEU A 1342 37.07 -26.73 2.98
N ALA A 1343 37.72 -27.16 1.90
CA ALA A 1343 37.14 -28.18 1.01
C ALA A 1343 36.94 -29.49 1.78
N VAL A 1344 37.86 -29.84 2.68
CA VAL A 1344 37.70 -31.05 3.53
C VAL A 1344 36.44 -30.89 4.37
N GLN A 1345 36.19 -29.69 4.90
CA GLN A 1345 34.95 -29.42 5.68
C GLN A 1345 33.73 -29.60 4.77
N LEU A 1346 33.82 -29.19 3.51
CA LEU A 1346 32.69 -29.34 2.54
C LEU A 1346 32.40 -30.84 2.33
N LYS A 1347 33.42 -31.69 2.29
CA LYS A 1347 33.22 -33.16 2.16
C LYS A 1347 32.47 -33.68 3.39
N ASN A 1348 32.57 -32.97 4.52
CA ASN A 1348 31.93 -33.43 5.79
C ASN A 1348 30.40 -33.27 5.73
N LEU A 1349 29.88 -32.64 4.67
CA LEU A 1349 28.40 -32.44 4.53
C LEU A 1349 27.74 -33.82 4.59
N ILE A 1350 26.57 -33.92 5.21
CA ILE A 1350 25.94 -35.26 5.44
C ILE A 1350 25.69 -35.99 4.12
N SER A 1351 25.16 -35.30 3.11
CA SER A 1351 24.99 -35.97 1.79
C SER A 1351 25.72 -35.21 0.69
N TYR A 1352 26.69 -35.84 0.03
CA TYR A 1352 27.35 -35.19 -1.13
C TYR A 1352 27.49 -36.23 -2.27
N PRO A 1353 26.92 -35.99 -3.46
CA PRO A 1353 26.96 -36.98 -4.55
C PRO A 1353 28.40 -37.22 -5.05
N ILE A 1354 29.20 -36.16 -5.20
CA ILE A 1354 30.58 -36.26 -5.72
C ILE A 1354 31.46 -35.37 -4.83
N PRO A 1355 32.81 -35.42 -4.88
CA PRO A 1355 33.62 -34.49 -4.08
C PRO A 1355 33.12 -33.09 -4.42
N THR A 1356 32.88 -32.25 -3.40
CA THR A 1356 32.27 -30.91 -3.64
C THR A 1356 33.32 -29.87 -4.02
N SER A 1357 33.96 -30.00 -5.18
CA SER A 1357 34.91 -28.95 -5.66
C SER A 1357 34.11 -27.68 -5.98
N LYS A 1358 32.91 -27.83 -6.55
CA LYS A 1358 32.06 -26.66 -6.93
C LYS A 1358 31.63 -25.90 -5.66
N ILE A 1359 31.36 -26.60 -4.56
CA ILE A 1359 31.00 -25.94 -3.28
C ILE A 1359 32.17 -25.05 -2.82
N LEU A 1360 33.41 -25.49 -3.07
CA LEU A 1360 34.59 -24.66 -2.72
C LEU A 1360 34.52 -23.34 -3.49
N GLU A 1361 34.12 -23.37 -4.76
CA GLU A 1361 33.95 -22.11 -5.55
C GLU A 1361 32.86 -21.25 -4.91
N ALA A 1362 31.77 -21.88 -4.43
CA ALA A 1362 30.68 -21.14 -3.76
C ALA A 1362 31.19 -20.48 -2.48
N LEU A 1363 32.10 -21.14 -1.75
CA LEU A 1363 32.60 -20.61 -0.44
C LEU A 1363 33.31 -19.26 -0.65
N THR A 1364 34.06 -19.10 -1.75
CA THR A 1364 34.84 -17.85 -1.95
C THR A 1364 33.88 -16.66 -2.00
N ALA A 1365 34.23 -15.55 -1.36
CA ALA A 1365 33.31 -14.38 -1.28
C ALA A 1365 33.08 -13.76 -2.66
N ALA A 1366 31.85 -13.32 -2.94
CA ALA A 1366 31.51 -12.72 -4.25
C ALA A 1366 32.17 -11.35 -4.40
N SER A 1367 32.61 -11.01 -5.61
CA SER A 1367 33.21 -9.67 -5.94
C SER A 1367 34.69 -9.60 -5.58
N CYS A 1368 35.23 -10.62 -4.90
CA CYS A 1368 36.70 -10.64 -4.64
C CYS A 1368 37.39 -10.84 -5.99
N GLN A 1369 36.85 -11.73 -6.84
CA GLN A 1369 37.39 -11.98 -8.20
C GLN A 1369 38.84 -12.45 -8.12
N GLU A 1370 39.23 -13.10 -7.03
CA GLU A 1370 40.61 -13.67 -6.94
C GLU A 1370 40.75 -14.77 -7.98
N THR A 1371 39.74 -15.64 -8.10
CA THR A 1371 39.78 -16.76 -9.07
C THR A 1371 38.42 -16.93 -9.76
N PHE A 1372 37.38 -17.30 -9.00
CA PHE A 1372 36.04 -17.57 -9.60
C PHE A 1372 34.92 -16.92 -8.78
N CYS A 1373 33.77 -16.71 -9.41
CA CYS A 1373 32.59 -16.08 -8.72
C CYS A 1373 31.43 -17.08 -8.70
N TYR A 1374 30.69 -17.15 -7.58
CA TYR A 1374 29.58 -18.13 -7.44
C TYR A 1374 28.24 -17.49 -7.81
N GLU A 1375 28.25 -16.26 -8.34
CA GLU A 1375 26.98 -15.54 -8.61
C GLU A 1375 26.12 -16.32 -9.62
N ARG A 1376 26.74 -16.90 -10.66
CA ARG A 1376 25.97 -17.70 -11.65
C ARG A 1376 25.33 -18.91 -10.96
N ALA A 1377 26.08 -19.60 -10.10
CA ALA A 1377 25.53 -20.77 -9.37
C ALA A 1377 24.38 -20.31 -8.46
N GLU A 1378 24.53 -19.12 -7.86
CA GLU A 1378 23.49 -18.58 -6.95
C GLU A 1378 22.19 -18.37 -7.72
N LEU A 1379 22.28 -17.85 -8.95
CA LEU A 1379 21.05 -17.56 -9.74
C LEU A 1379 20.29 -18.86 -10.01
N LEU A 1380 21.00 -19.93 -10.38
CA LEU A 1380 20.35 -21.23 -10.67
C LEU A 1380 19.70 -21.75 -9.38
N GLY A 1381 20.42 -21.65 -8.26
CA GLY A 1381 19.89 -22.11 -6.97
C GLY A 1381 18.65 -21.34 -6.54
N ASP A 1382 18.65 -20.03 -6.76
CA ASP A 1382 17.49 -19.19 -6.37
C ASP A 1382 16.26 -19.62 -7.17
N ALA A 1383 16.44 -19.88 -8.47
CA ALA A 1383 15.32 -20.32 -9.33
C ALA A 1383 14.81 -21.69 -8.85
N TYR A 1384 15.73 -22.60 -8.52
CA TYR A 1384 15.34 -23.95 -8.03
C TYR A 1384 14.56 -23.81 -6.72
N LEU A 1385 15.05 -22.95 -5.82
CA LEU A 1385 14.38 -22.75 -4.51
C LEU A 1385 12.97 -22.20 -4.73
N LYS A 1386 12.83 -21.24 -5.64
CA LYS A 1386 11.50 -20.61 -5.88
C LYS A 1386 10.52 -21.67 -6.41
N TRP A 1387 10.96 -22.51 -7.34
CA TRP A 1387 10.08 -23.55 -7.92
C TRP A 1387 9.67 -24.55 -6.84
N VAL A 1388 10.61 -24.98 -5.99
CA VAL A 1388 10.31 -25.98 -4.93
C VAL A 1388 9.31 -25.38 -3.95
N VAL A 1389 9.49 -24.11 -3.59
CA VAL A 1389 8.59 -23.46 -2.58
C VAL A 1389 7.18 -23.41 -3.16
N SER A 1390 7.04 -23.04 -4.44
CA SER A 1390 5.69 -22.92 -5.06
C SER A 1390 5.03 -24.30 -5.10
N ARG A 1391 5.79 -25.34 -5.42
CA ARG A 1391 5.24 -26.72 -5.48
C ARG A 1391 4.74 -27.11 -4.09
N PHE A 1392 5.52 -26.79 -3.05
CA PHE A 1392 5.14 -27.15 -1.67
C PHE A 1392 3.84 -26.43 -1.27
N LEU A 1393 3.71 -25.16 -1.63
CA LEU A 1393 2.51 -24.37 -1.26
C LEU A 1393 1.27 -24.99 -1.91
N PHE A 1394 1.40 -25.40 -3.18
CA PHE A 1394 0.26 -26.03 -3.89
C PHE A 1394 -0.12 -27.33 -3.17
N LEU A 1395 0.89 -28.10 -2.74
CA LEU A 1395 0.62 -29.35 -1.97
C LEU A 1395 -0.07 -29.02 -0.65
N LYS A 1396 0.41 -28.00 0.08
CA LYS A 1396 -0.15 -27.70 1.42
C LYS A 1396 -1.63 -27.27 1.29
N TYR A 1397 -1.92 -26.39 0.34
CA TYR A 1397 -3.33 -25.95 0.11
C TYR A 1397 -3.64 -25.94 -1.38
N PRO A 1398 -4.52 -26.84 -1.89
CA PRO A 1398 -4.93 -26.81 -3.30
C PRO A 1398 -5.76 -25.58 -3.71
N GLN A 1399 -6.69 -25.15 -2.85
CA GLN A 1399 -7.63 -24.05 -3.23
C GLN A 1399 -7.20 -22.69 -2.65
N LYS A 1400 -5.98 -22.60 -2.10
CA LYS A 1400 -5.54 -21.33 -1.46
C LYS A 1400 -5.52 -20.20 -2.49
N HIS A 1401 -5.87 -18.98 -2.08
CA HIS A 1401 -5.93 -17.83 -3.03
C HIS A 1401 -4.54 -17.57 -3.62
N GLU A 1402 -4.49 -17.19 -4.91
CA GLU A 1402 -3.19 -16.99 -5.59
C GLU A 1402 -2.40 -15.87 -4.90
N GLY A 1403 -3.07 -14.79 -4.51
CA GLY A 1403 -2.38 -13.68 -3.82
C GLY A 1403 -1.80 -14.14 -2.50
N GLN A 1404 -2.56 -14.94 -1.73
CA GLN A 1404 -2.03 -15.50 -0.45
C GLN A 1404 -0.85 -16.42 -0.75
N LEU A 1405 -0.96 -17.23 -1.81
CA LEU A 1405 0.14 -18.18 -2.18
C LEU A 1405 1.38 -17.37 -2.53
N THR A 1406 1.23 -16.25 -3.23
CA THR A 1406 2.39 -15.40 -3.61
C THR A 1406 3.05 -14.87 -2.34
N ARG A 1407 2.25 -14.42 -1.36
CA ARG A 1407 2.80 -13.90 -0.08
C ARG A 1407 3.55 -15.03 0.65
N MET A 1408 2.99 -16.24 0.65
CA MET A 1408 3.65 -17.40 1.30
C MET A 1408 4.98 -17.68 0.59
N ARG A 1409 4.99 -17.59 -0.74
CA ARG A 1409 6.23 -17.84 -1.51
C ARG A 1409 7.28 -16.80 -1.12
N GLN A 1410 6.87 -15.53 -0.98
CA GLN A 1410 7.86 -14.45 -0.69
C GLN A 1410 8.53 -14.70 0.67
N GLN A 1411 7.75 -15.05 1.69
CA GLN A 1411 8.35 -15.23 3.05
C GLN A 1411 9.31 -16.43 3.02
N MET A 1412 8.94 -17.51 2.34
CA MET A 1412 9.79 -18.72 2.26
C MET A 1412 11.10 -18.41 1.53
N VAL A 1413 11.05 -17.62 0.46
CA VAL A 1413 12.27 -17.35 -0.38
C VAL A 1413 13.00 -16.10 0.15
N SER A 1414 12.52 -15.50 1.24
CA SER A 1414 13.14 -14.24 1.73
C SER A 1414 14.61 -14.48 2.07
N ASN A 1415 15.48 -13.53 1.70
CA ASN A 1415 16.94 -13.67 1.94
C ASN A 1415 17.22 -13.74 3.44
N MET A 1416 16.48 -12.98 4.25
CA MET A 1416 16.75 -12.92 5.71
C MET A 1416 16.55 -14.32 6.32
N VAL A 1417 15.50 -15.03 5.90
CA VAL A 1417 15.23 -16.40 6.44
C VAL A 1417 16.38 -17.32 6.06
N LEU A 1418 16.85 -17.24 4.80
CA LEU A 1418 18.01 -18.07 4.34
C LEU A 1418 19.26 -17.67 5.14
N TYR A 1419 19.42 -16.38 5.42
CA TYR A 1419 20.59 -15.89 6.20
C TYR A 1419 20.58 -16.51 7.59
N GLN A 1420 19.39 -16.63 8.20
CA GLN A 1420 19.28 -17.27 9.55
C GLN A 1420 19.72 -18.74 9.43
N PHE A 1421 19.33 -19.43 8.36
CA PHE A 1421 19.76 -20.85 8.16
C PHE A 1421 21.27 -20.88 8.01
N ALA A 1422 21.85 -19.90 7.31
CA ALA A 1422 23.32 -19.84 7.13
C ALA A 1422 24.02 -19.65 8.48
N LEU A 1423 23.40 -18.89 9.39
CA LEU A 1423 23.99 -18.67 10.73
C LEU A 1423 24.10 -20.00 11.48
N VAL A 1424 23.07 -20.85 11.39
CA VAL A 1424 23.15 -22.21 12.02
C VAL A 1424 24.24 -23.03 11.32
N LYS A 1425 24.37 -22.87 10.00
CA LYS A 1425 25.40 -23.60 9.21
C LYS A 1425 26.81 -23.19 9.68
N GLY A 1426 26.98 -21.93 10.10
CA GLY A 1426 28.33 -21.45 10.46
C GLY A 1426 29.10 -20.97 9.25
N LEU A 1427 28.39 -20.67 8.15
CA LEU A 1427 29.05 -20.18 6.91
C LEU A 1427 29.78 -18.87 7.21
N GLN A 1428 29.21 -18.00 8.05
CA GLN A 1428 29.84 -16.71 8.40
C GLN A 1428 31.19 -16.99 9.08
N SER A 1429 31.25 -17.99 9.96
CA SER A 1429 32.52 -18.38 10.61
C SER A 1429 33.27 -19.40 9.76
N TYR A 1430 33.80 -18.98 8.60
CA TYR A 1430 34.57 -19.91 7.74
C TYR A 1430 35.83 -20.38 8.49
N ARG A 1495 35.13 -11.77 10.60
CA ARG A 1495 35.12 -10.34 10.22
C ARG A 1495 33.80 -10.01 9.50
N VAL A 1496 32.80 -10.87 9.65
CA VAL A 1496 31.49 -10.65 8.95
C VAL A 1496 30.87 -9.35 9.49
N LEU A 1497 30.38 -8.49 8.58
CA LEU A 1497 29.77 -7.19 8.98
C LEU A 1497 28.25 -7.37 9.13
N SER A 1498 27.72 -8.56 8.84
CA SER A 1498 26.28 -8.89 8.95
C SER A 1498 25.53 -8.40 7.71
N SER A 1499 26.23 -7.72 6.78
CA SER A 1499 25.61 -7.29 5.51
C SER A 1499 26.05 -8.24 4.39
N LYS A 1500 26.89 -9.23 4.74
CA LYS A 1500 27.40 -10.20 3.73
C LYS A 1500 26.24 -11.07 3.23
N THR A 1501 26.27 -11.45 1.95
CA THR A 1501 25.15 -12.23 1.37
C THR A 1501 25.33 -13.73 1.68
N LEU A 1502 25.12 -14.11 2.94
CA LEU A 1502 25.18 -15.55 3.32
C LEU A 1502 24.07 -16.30 2.58
N ALA A 1503 22.91 -15.66 2.42
CA ALA A 1503 21.76 -16.28 1.72
C ALA A 1503 22.15 -16.61 0.27
N ASP A 1504 22.90 -15.73 -0.38
CA ASP A 1504 23.37 -15.98 -1.78
C ASP A 1504 24.28 -17.21 -1.80
N VAL A 1505 25.13 -17.37 -0.79
CA VAL A 1505 26.00 -18.57 -0.71
C VAL A 1505 25.12 -19.82 -0.59
N VAL A 1506 24.05 -19.74 0.21
CA VAL A 1506 23.11 -20.90 0.39
C VAL A 1506 22.48 -21.22 -0.97
N GLU A 1507 22.06 -20.18 -1.72
CA GLU A 1507 21.47 -20.39 -3.06
C GLU A 1507 22.52 -21.02 -3.98
N ALA A 1508 23.78 -20.58 -3.88
CA ALA A 1508 24.86 -21.15 -4.71
C ALA A 1508 25.02 -22.65 -4.41
N LEU A 1509 24.92 -23.02 -3.13
CA LEU A 1509 25.05 -24.45 -2.75
C LEU A 1509 23.92 -25.25 -3.41
N ILE A 1510 22.70 -24.71 -3.42
CA ILE A 1510 21.54 -25.41 -4.05
C ILE A 1510 21.82 -25.56 -5.55
N GLY A 1511 22.30 -24.50 -6.21
CA GLY A 1511 22.62 -24.57 -7.65
C GLY A 1511 23.74 -25.56 -7.92
N VAL A 1512 24.78 -25.54 -7.07
CA VAL A 1512 25.93 -26.47 -7.24
C VAL A 1512 25.41 -27.91 -7.07
N TYR A 1513 24.54 -28.12 -6.07
CA TYR A 1513 24.00 -29.48 -5.79
C TYR A 1513 23.18 -29.95 -7.00
N TYR A 1514 22.42 -29.05 -7.61
CA TYR A 1514 21.58 -29.43 -8.77
C TYR A 1514 22.46 -29.94 -9.92
N VAL A 1515 23.58 -29.25 -10.18
CA VAL A 1515 24.53 -29.76 -11.22
C VAL A 1515 25.17 -31.08 -10.74
N GLU A 1516 25.61 -31.13 -9.47
CA GLU A 1516 26.31 -32.32 -8.94
C GLU A 1516 25.41 -33.55 -8.85
N GLY A 1517 24.14 -33.38 -8.43
CA GLY A 1517 23.26 -34.54 -8.21
C GLY A 1517 21.84 -34.32 -8.71
N GLY A 1518 21.03 -35.38 -8.71
CA GLY A 1518 19.65 -35.29 -9.25
C GLY A 1518 18.76 -34.42 -8.38
N LYS A 1519 17.60 -34.00 -8.90
CA LYS A 1519 16.71 -33.06 -8.17
C LYS A 1519 16.33 -33.64 -6.81
N ILE A 1520 16.07 -34.95 -6.74
CA ILE A 1520 15.63 -35.59 -5.46
C ILE A 1520 16.75 -35.41 -4.42
N ALA A 1521 18.01 -35.60 -4.82
CA ALA A 1521 19.15 -35.40 -3.89
C ALA A 1521 19.21 -33.92 -3.45
N ALA A 1522 19.00 -33.00 -4.39
CA ALA A 1522 19.00 -31.55 -4.06
C ALA A 1522 17.86 -31.24 -3.09
N ASN A 1523 16.69 -31.87 -3.30
CA ASN A 1523 15.53 -31.66 -2.40
C ASN A 1523 15.87 -32.17 -1.00
N HIS A 1524 16.59 -33.29 -0.90
CA HIS A 1524 17.01 -33.83 0.42
C HIS A 1524 17.94 -32.82 1.12
N LEU A 1525 18.85 -32.20 0.37
CA LEU A 1525 19.74 -31.16 0.96
C LEU A 1525 18.87 -29.99 1.44
N MET A 1526 17.84 -29.62 0.67
CA MET A 1526 16.90 -28.55 1.09
C MET A 1526 16.18 -28.97 2.37
N LYS A 1527 15.80 -30.24 2.48
CA LYS A 1527 15.15 -30.73 3.73
C LYS A 1527 16.13 -30.54 4.89
N TRP A 1528 17.41 -30.82 4.65
CA TRP A 1528 18.44 -30.71 5.73
C TRP A 1528 18.56 -29.28 6.25
N ILE A 1529 18.56 -28.27 5.36
CA ILE A 1529 18.79 -26.88 5.86
C ILE A 1529 17.62 -25.94 5.50
N GLY A 1530 17.18 -25.90 4.23
CA GLY A 1530 16.14 -24.93 3.82
C GLY A 1530 14.82 -25.15 4.54
N ILE A 1531 14.40 -26.40 4.70
CA ILE A 1531 13.16 -26.71 5.47
C ILE A 1531 13.42 -26.49 6.97
N ASP A 1558 -12.34 -25.97 -31.59
CA ASP A 1558 -11.56 -24.82 -31.06
C ASP A 1558 -10.46 -25.35 -30.12
N PHE A 1559 -10.83 -26.19 -29.15
CA PHE A 1559 -9.84 -26.72 -28.17
C PHE A 1559 -8.80 -27.58 -28.91
N VAL A 1560 -9.24 -28.39 -29.87
CA VAL A 1560 -8.30 -29.23 -30.67
C VAL A 1560 -7.35 -28.29 -31.46
N GLY A 1561 -7.88 -27.21 -32.02
CA GLY A 1561 -7.03 -26.23 -32.74
C GLY A 1561 -6.05 -25.58 -31.79
N LEU A 1562 -6.49 -25.26 -30.58
CA LEU A 1562 -5.60 -24.65 -29.55
C LEU A 1562 -4.48 -25.66 -29.23
N GLU A 1563 -4.83 -26.94 -29.13
CA GLU A 1563 -3.81 -27.98 -28.81
C GLU A 1563 -2.75 -28.02 -29.91
N ARG A 1564 -3.16 -27.90 -31.18
CA ARG A 1564 -2.19 -27.91 -32.30
C ARG A 1564 -1.25 -26.71 -32.20
N ALA A 1565 -1.80 -25.53 -31.91
CA ALA A 1565 -0.96 -24.31 -31.75
C ALA A 1565 -0.06 -24.48 -30.52
N LEU A 1566 -0.61 -25.01 -29.43
CA LEU A 1566 0.16 -25.23 -28.18
C LEU A 1566 1.26 -26.27 -28.43
N LYS A 1567 0.97 -27.30 -29.25
CA LYS A 1567 1.92 -28.42 -29.51
C LYS A 1567 1.82 -29.41 -28.35
N TYR A 1568 0.85 -29.20 -27.45
CA TYR A 1568 0.63 -30.14 -26.31
C TYR A 1568 -0.82 -30.64 -26.37
N GLU A 1569 -1.00 -31.97 -26.26
CA GLU A 1569 -2.37 -32.54 -26.24
C GLU A 1569 -2.82 -32.66 -24.78
N PHE A 1570 -4.03 -32.20 -24.47
CA PHE A 1570 -4.50 -32.22 -23.05
C PHE A 1570 -5.28 -33.52 -22.78
N LYS A 1571 -4.76 -34.37 -21.90
CA LYS A 1571 -5.48 -35.61 -21.53
C LYS A 1571 -6.79 -35.24 -20.83
N GLU A 1572 -6.76 -34.21 -19.98
CA GLU A 1572 -7.98 -33.76 -19.26
C GLU A 1572 -8.50 -32.46 -19.88
N LYS A 1573 -9.73 -32.47 -20.40
CA LYS A 1573 -10.34 -31.25 -20.98
C LYS A 1573 -10.56 -30.20 -19.90
N GLY A 1574 -10.92 -30.62 -18.68
CA GLY A 1574 -11.23 -29.66 -17.60
C GLY A 1574 -10.05 -28.76 -17.25
N LEU A 1575 -8.84 -29.30 -17.23
CA LEU A 1575 -7.63 -28.47 -16.96
C LEU A 1575 -7.48 -27.41 -18.06
N LEU A 1576 -7.70 -27.80 -19.32
CA LEU A 1576 -7.64 -26.83 -20.44
C LEU A 1576 -8.74 -25.78 -20.26
N VAL A 1577 -9.94 -26.22 -19.84
CA VAL A 1577 -11.08 -25.28 -19.62
C VAL A 1577 -10.67 -24.30 -18.51
N GLU A 1578 -10.01 -24.78 -17.47
CA GLU A 1578 -9.62 -23.90 -16.32
C GLU A 1578 -8.66 -22.82 -16.81
N ALA A 1579 -7.69 -23.18 -17.68
CA ALA A 1579 -6.77 -22.17 -18.25
C ALA A 1579 -7.57 -21.19 -19.12
N ILE A 1580 -8.52 -21.69 -19.90
CA ILE A 1580 -9.37 -20.83 -20.78
C ILE A 1580 -10.22 -19.89 -19.91
N THR A 1581 -10.70 -20.38 -18.76
CA THR A 1581 -11.49 -19.52 -17.84
C THR A 1581 -10.60 -18.38 -17.34
N HIS A 1582 -11.17 -17.19 -17.13
CA HIS A 1582 -10.35 -16.01 -16.73
C HIS A 1582 -10.95 -15.42 -15.44
N ALA A 1583 -10.19 -14.57 -14.74
CA ALA A 1583 -10.71 -13.93 -13.51
C ALA A 1583 -11.95 -13.10 -13.89
N SER A 1584 -11.91 -12.39 -15.01
CA SER A 1584 -13.12 -11.67 -15.48
C SER A 1584 -14.04 -12.68 -16.16
N ARG A 1585 -15.33 -12.70 -15.79
CA ARG A 1585 -16.28 -13.69 -16.35
C ARG A 1585 -17.56 -13.00 -16.79
N PRO A 1586 -18.23 -13.44 -17.88
CA PRO A 1586 -19.51 -12.84 -18.30
C PRO A 1586 -20.70 -13.43 -17.53
N SER A 1587 -20.74 -13.26 -16.19
CA SER A 1587 -21.88 -13.72 -15.34
C SER A 1587 -21.83 -15.22 -15.06
N SER A 1588 -20.82 -15.93 -15.60
CA SER A 1588 -20.66 -17.38 -15.30
C SER A 1588 -19.21 -17.66 -14.93
N GLY A 1589 -18.97 -18.26 -13.75
CA GLY A 1589 -17.60 -18.61 -13.34
C GLY A 1589 -17.42 -20.11 -13.22
N VAL A 1590 -16.45 -20.67 -13.95
CA VAL A 1590 -16.20 -22.14 -13.92
C VAL A 1590 -15.05 -22.44 -12.96
N SER A 1591 -13.95 -21.70 -13.06
CA SER A 1591 -12.75 -21.98 -12.23
C SER A 1591 -11.87 -20.73 -12.15
N CYS A 1592 -10.87 -20.74 -11.25
CA CYS A 1592 -9.94 -19.57 -11.15
C CYS A 1592 -8.63 -19.89 -11.90
N TYR A 1593 -8.30 -19.08 -12.91
CA TYR A 1593 -7.03 -19.26 -13.66
C TYR A 1593 -5.86 -18.75 -12.78
N GLN A 1594 -6.18 -18.02 -11.72
CA GLN A 1594 -5.11 -17.40 -10.88
C GLN A 1594 -4.23 -18.50 -10.27
N ARG A 1595 -4.83 -19.59 -9.79
CA ARG A 1595 -4.04 -20.65 -9.13
C ARG A 1595 -3.08 -21.25 -10.17
N LEU A 1596 -3.57 -21.50 -11.39
CA LEU A 1596 -2.71 -22.06 -12.47
C LEU A 1596 -1.61 -21.07 -12.82
N GLU A 1597 -1.95 -19.78 -12.91
CA GLU A 1597 -0.93 -18.77 -13.33
C GLU A 1597 0.20 -18.72 -12.29
N PHE A 1598 -0.14 -18.77 -10.99
CA PHE A 1598 0.90 -18.66 -9.95
C PHE A 1598 1.89 -19.83 -10.04
N VAL A 1599 1.36 -21.06 -10.15
CA VAL A 1599 2.25 -22.25 -10.24
C VAL A 1599 3.01 -22.20 -11.56
N GLY A 1600 2.32 -21.80 -12.64
CA GLY A 1600 2.97 -21.76 -13.97
C GLY A 1600 4.11 -20.76 -14.00
N ASP A 1601 3.93 -19.60 -13.37
CA ASP A 1601 4.98 -18.56 -13.43
C ASP A 1601 6.25 -19.09 -12.75
N ALA A 1602 6.09 -19.73 -11.59
CA ALA A 1602 7.28 -20.21 -10.84
C ALA A 1602 8.00 -21.31 -11.64
N VAL A 1603 7.24 -22.26 -12.20
CA VAL A 1603 7.87 -23.39 -12.94
C VAL A 1603 8.56 -22.84 -14.19
N LEU A 1604 7.94 -21.88 -14.89
CA LEU A 1604 8.51 -21.33 -16.14
C LEU A 1604 9.85 -20.64 -15.81
N ASP A 1605 9.90 -19.92 -14.70
CA ASP A 1605 11.14 -19.16 -14.37
C ASP A 1605 12.28 -20.17 -14.19
N HIS A 1606 12.03 -21.26 -13.45
CA HIS A 1606 13.08 -22.28 -13.22
C HIS A 1606 13.47 -22.95 -14.55
N LEU A 1607 12.48 -23.29 -15.37
CA LEU A 1607 12.78 -24.00 -16.65
C LEU A 1607 13.62 -23.11 -17.56
N ILE A 1608 13.29 -21.82 -17.64
CA ILE A 1608 14.04 -20.89 -18.52
C ILE A 1608 15.49 -20.78 -18.03
N THR A 1609 15.68 -20.67 -16.71
CA THR A 1609 17.05 -20.53 -16.15
C THR A 1609 17.85 -21.80 -16.47
N ARG A 1610 17.22 -22.97 -16.35
CA ARG A 1610 17.96 -24.24 -16.56
C ARG A 1610 18.52 -24.25 -17.98
N HIS A 1611 17.70 -23.85 -18.96
CA HIS A 1611 18.14 -23.90 -20.38
C HIS A 1611 19.33 -22.94 -20.59
N LEU A 1612 19.25 -21.74 -20.02
CA LEU A 1612 20.36 -20.75 -20.17
C LEU A 1612 21.61 -21.30 -19.47
N PHE A 1613 21.46 -21.89 -18.28
CA PHE A 1613 22.61 -22.43 -17.52
C PHE A 1613 23.25 -23.63 -18.24
N PHE A 1614 22.43 -24.48 -18.86
CA PHE A 1614 22.97 -25.68 -19.55
C PHE A 1614 23.89 -25.21 -20.69
N THR A 1615 23.48 -24.15 -21.41
CA THR A 1615 24.37 -23.58 -22.45
C THR A 1615 25.56 -22.92 -21.73
N TYR A 1616 26.78 -23.12 -22.23
CA TYR A 1616 27.95 -22.45 -21.62
C TYR A 1616 28.10 -21.05 -22.23
N THR A 1617 27.18 -20.14 -21.88
CA THR A 1617 27.23 -18.75 -22.40
C THR A 1617 28.51 -18.07 -21.90
N SER A 1618 28.88 -18.30 -20.64
CA SER A 1618 30.09 -17.68 -20.03
C SER A 1618 29.94 -16.15 -20.05
N LEU A 1619 28.70 -15.67 -19.92
CA LEU A 1619 28.44 -14.19 -19.87
C LEU A 1619 28.89 -13.66 -18.50
N PRO A 1620 29.18 -12.36 -18.35
CA PRO A 1620 29.50 -11.80 -17.03
C PRO A 1620 28.28 -12.06 -16.14
N PRO A 1621 28.44 -12.42 -14.85
CA PRO A 1621 27.30 -12.80 -14.01
C PRO A 1621 26.23 -11.71 -13.87
N GLY A 1622 26.64 -10.45 -13.70
CA GLY A 1622 25.66 -9.34 -13.65
C GLY A 1622 24.91 -9.22 -14.97
N ARG A 1623 25.62 -9.31 -16.09
CA ARG A 1623 24.98 -9.26 -17.43
C ARG A 1623 24.06 -10.46 -17.59
N LEU A 1624 24.49 -11.64 -17.12
CA LEU A 1624 23.68 -12.87 -17.22
C LEU A 1624 22.38 -12.69 -16.44
N THR A 1625 22.45 -12.05 -15.27
CA THR A 1625 21.23 -11.79 -14.45
C THR A 1625 20.27 -10.91 -15.25
N ASP A 1626 20.81 -9.89 -15.93
CA ASP A 1626 19.96 -8.98 -16.77
C ASP A 1626 19.34 -9.80 -17.90
N LEU A 1627 20.12 -10.69 -18.53
CA LEU A 1627 19.61 -11.54 -19.63
C LEU A 1627 18.51 -12.46 -19.10
N ARG A 1628 18.70 -13.02 -17.90
CA ARG A 1628 17.69 -13.90 -17.29
C ARG A 1628 16.40 -13.10 -17.07
N ALA A 1629 16.54 -11.87 -16.56
CA ALA A 1629 15.35 -11.01 -16.29
C ALA A 1629 14.63 -10.71 -17.61
N ALA A 1630 15.39 -10.45 -18.67
CA ALA A 1630 14.77 -10.17 -20.00
C ALA A 1630 13.99 -11.41 -20.47
N ALA A 1631 14.55 -12.60 -20.27
CA ALA A 1631 13.88 -13.84 -20.72
C ALA A 1631 12.54 -14.04 -19.97
N VAL A 1632 12.52 -13.80 -18.66
CA VAL A 1632 11.23 -13.88 -17.90
C VAL A 1632 10.53 -12.52 -17.94
N ASN A 1633 9.95 -12.16 -19.09
CA ASN A 1633 9.23 -10.86 -19.21
C ASN A 1633 7.76 -11.16 -19.55
N ASN A 1634 6.83 -10.54 -18.81
CA ASN A 1634 5.38 -10.74 -19.06
C ASN A 1634 5.05 -10.24 -20.48
N GLU A 1635 5.67 -9.15 -20.92
CA GLU A 1635 5.40 -8.59 -22.26
C GLU A 1635 5.80 -9.60 -23.35
N ASN A 1636 6.95 -10.28 -23.19
CA ASN A 1636 7.33 -11.33 -24.17
C ASN A 1636 6.32 -12.48 -24.15
N PHE A 1637 5.84 -12.87 -22.96
CA PHE A 1637 4.79 -13.92 -22.86
C PHE A 1637 3.52 -13.40 -23.55
N ALA A 1638 3.20 -12.12 -23.39
CA ALA A 1638 2.02 -11.52 -24.04
C ALA A 1638 2.19 -11.60 -25.57
N ARG A 1639 3.40 -11.35 -26.07
CA ARG A 1639 3.68 -11.46 -27.52
C ARG A 1639 3.44 -12.91 -27.96
N VAL A 1640 3.86 -13.87 -27.13
CA VAL A 1640 3.64 -15.31 -27.45
C VAL A 1640 2.13 -15.58 -27.51
N ALA A 1641 1.36 -14.98 -26.59
CA ALA A 1641 -0.09 -15.23 -26.53
C ALA A 1641 -0.77 -14.75 -27.83
N VAL A 1642 -0.41 -13.56 -28.32
CA VAL A 1642 -0.99 -13.04 -29.59
C VAL A 1642 -0.55 -13.92 -30.77
N LYS A 1643 0.69 -14.41 -30.76
CA LYS A 1643 1.19 -15.28 -31.85
C LYS A 1643 0.37 -16.56 -31.92
N HIS A 1644 0.02 -17.14 -30.76
CA HIS A 1644 -0.77 -18.40 -30.72
C HIS A 1644 -2.27 -18.09 -30.68
N LYS A 1645 -2.64 -16.80 -30.67
CA LYS A 1645 -4.08 -16.40 -30.60
C LYS A 1645 -4.71 -16.98 -29.33
N LEU A 1646 -3.93 -17.06 -28.24
CA LEU A 1646 -4.42 -17.61 -26.96
C LEU A 1646 -5.57 -16.74 -26.44
N HIS A 1647 -5.47 -15.42 -26.63
CA HIS A 1647 -6.50 -14.49 -26.11
C HIS A 1647 -7.87 -14.80 -26.73
N LEU A 1648 -7.89 -15.14 -28.02
CA LEU A 1648 -9.18 -15.48 -28.70
C LEU A 1648 -9.79 -16.72 -28.05
N TYR A 1649 -8.97 -17.74 -27.76
CA TYR A 1649 -9.47 -18.96 -27.07
C TYR A 1649 -9.94 -18.60 -25.67
N LEU A 1650 -9.20 -17.73 -24.97
CA LEU A 1650 -9.54 -17.35 -23.57
C LEU A 1650 -10.89 -16.61 -23.56
N ARG A 1651 -11.72 -16.86 -22.54
CA ARG A 1651 -13.02 -16.15 -22.42
C ARG A 1651 -12.96 -15.24 -21.20
N HIS A 1652 -13.24 -13.94 -21.38
CA HIS A 1652 -13.24 -12.97 -20.25
C HIS A 1652 -14.42 -12.02 -20.38
N GLY A 1653 -14.89 -11.47 -19.25
CA GLY A 1653 -16.07 -10.58 -19.26
C GLY A 1653 -15.71 -9.11 -19.42
N SER A 1654 -14.42 -8.79 -19.52
CA SER A 1654 -14.02 -7.35 -19.57
C SER A 1654 -13.85 -6.89 -21.02
N SER A 1655 -14.76 -6.04 -21.51
CA SER A 1655 -14.66 -5.50 -22.89
C SER A 1655 -13.40 -4.63 -23.03
N ALA A 1656 -13.11 -3.79 -22.02
CA ALA A 1656 -11.95 -2.87 -22.10
C ALA A 1656 -10.65 -3.68 -22.19
N LEU A 1657 -10.57 -4.79 -21.46
CA LEU A 1657 -9.35 -5.64 -21.49
C LEU A 1657 -9.14 -6.16 -22.91
N GLU A 1658 -10.21 -6.56 -23.60
CA GLU A 1658 -10.10 -7.03 -25.01
C GLU A 1658 -9.60 -5.88 -25.89
N LYS A 1659 -10.07 -4.66 -25.64
CA LYS A 1659 -9.61 -3.48 -26.43
C LYS A 1659 -8.11 -3.29 -26.19
N GLN A 1660 -7.65 -3.46 -24.95
CA GLN A 1660 -6.19 -3.35 -24.65
C GLN A 1660 -5.44 -4.44 -25.43
N ILE A 1661 -5.99 -5.65 -25.48
CA ILE A 1661 -5.33 -6.78 -26.20
C ILE A 1661 -5.20 -6.44 -27.68
N ARG A 1662 -6.27 -5.89 -28.29
CA ARG A 1662 -6.24 -5.52 -29.73
C ARG A 1662 -5.20 -4.43 -29.96
N GLU A 1663 -5.10 -3.47 -29.03
CA GLU A 1663 -4.07 -2.39 -29.13
C GLU A 1663 -2.68 -3.02 -29.09
N PHE A 1664 -2.47 -4.01 -28.22
CA PHE A 1664 -1.16 -4.70 -28.13
C PHE A 1664 -0.86 -5.41 -29.46
N VAL A 1665 -1.89 -6.01 -30.08
CA VAL A 1665 -1.69 -6.70 -31.39
C VAL A 1665 -1.22 -5.66 -32.42
N LYS A 1666 -1.81 -4.46 -32.40
CA LYS A 1666 -1.36 -3.38 -33.31
C LYS A 1666 0.09 -3.01 -32.99
N GLU A 1667 0.45 -2.97 -31.70
CA GLU A 1667 1.83 -2.58 -31.28
C GLU A 1667 2.85 -3.58 -31.82
N VAL A 1668 2.55 -4.88 -31.80
CA VAL A 1668 3.57 -5.90 -32.22
C VAL A 1668 3.37 -6.26 -33.70
N GLN A 1669 4.40 -6.04 -34.51
CA GLN A 1669 4.32 -6.35 -35.97
C GLN A 1669 5.30 -7.48 -36.30
N LYS A 1689 -0.22 -7.04 -18.77
CA LYS A 1689 0.50 -8.29 -18.40
C LYS A 1689 -0.50 -9.45 -18.36
N VAL A 1690 -1.78 -9.19 -18.66
CA VAL A 1690 -2.82 -10.25 -18.55
C VAL A 1690 -2.52 -11.39 -19.53
N LEU A 1691 -2.09 -11.06 -20.75
CA LEU A 1691 -1.77 -12.08 -21.78
C LEU A 1691 -0.61 -12.95 -21.28
N GLY A 1692 0.39 -12.34 -20.64
CA GLY A 1692 1.49 -13.13 -20.07
C GLY A 1692 0.97 -14.06 -18.98
N ASP A 1693 0.04 -13.56 -18.15
CA ASP A 1693 -0.53 -14.38 -17.04
C ASP A 1693 -1.30 -15.58 -17.60
N ILE A 1694 -2.06 -15.38 -18.68
CA ILE A 1694 -2.83 -16.51 -19.32
C ILE A 1694 -1.85 -17.56 -19.86
N VAL A 1695 -0.72 -17.13 -20.43
CA VAL A 1695 0.31 -18.11 -20.90
C VAL A 1695 0.81 -18.91 -19.70
N GLU A 1696 1.05 -18.22 -18.57
CA GLU A 1696 1.49 -18.92 -17.32
C GLU A 1696 0.37 -19.85 -16.84
N SER A 1697 -0.89 -19.43 -16.96
CA SER A 1697 -2.04 -20.30 -16.57
C SER A 1697 -2.07 -21.55 -17.45
N ILE A 1698 -1.84 -21.38 -18.76
CA ILE A 1698 -1.81 -22.55 -19.68
C ILE A 1698 -0.65 -23.46 -19.27
N ALA A 1699 0.50 -22.88 -18.93
CA ALA A 1699 1.67 -23.68 -18.49
C ALA A 1699 1.34 -24.43 -17.20
N GLY A 1700 0.62 -23.77 -16.27
CA GLY A 1700 0.21 -24.44 -15.03
C GLY A 1700 -0.74 -25.60 -15.32
N ALA A 1701 -1.68 -25.41 -16.26
CA ALA A 1701 -2.60 -26.49 -16.66
C ALA A 1701 -1.79 -27.63 -17.30
N ILE A 1702 -0.79 -27.30 -18.11
CA ILE A 1702 0.08 -28.34 -18.75
C ILE A 1702 0.80 -29.09 -17.63
N PHE A 1703 1.28 -28.37 -16.61
CA PHE A 1703 2.03 -29.00 -15.50
C PHE A 1703 1.12 -30.00 -14.78
N LEU A 1704 -0.14 -29.60 -14.50
CA LEU A 1704 -1.10 -30.52 -13.84
C LEU A 1704 -1.37 -31.71 -14.76
N ASP A 1705 -1.53 -31.46 -16.06
CA ASP A 1705 -1.81 -32.53 -17.06
C ASP A 1705 -0.62 -33.49 -17.13
N SER A 1706 0.60 -32.97 -16.98
CA SER A 1706 1.83 -33.81 -17.13
C SER A 1706 2.22 -34.44 -15.79
N GLY A 1707 1.34 -34.35 -14.78
CA GLY A 1707 1.68 -34.86 -13.44
C GLY A 1707 2.86 -34.11 -12.83
N LYS A 1708 2.89 -32.79 -13.01
CA LYS A 1708 3.97 -31.93 -12.42
C LYS A 1708 5.35 -32.40 -12.91
N ASP A 1709 5.47 -32.72 -14.20
CA ASP A 1709 6.80 -33.10 -14.76
C ASP A 1709 7.42 -31.86 -15.41
N THR A 1710 8.59 -31.45 -14.93
CA THR A 1710 9.27 -30.22 -15.46
C THR A 1710 9.65 -30.41 -16.93
N THR A 1711 10.18 -31.58 -17.30
CA THR A 1711 10.68 -31.76 -18.69
C THR A 1711 9.54 -31.64 -19.71
N ALA A 1712 8.39 -32.24 -19.44
CA ALA A 1712 7.30 -32.23 -20.45
C ALA A 1712 6.82 -30.80 -20.70
N ALA A 1713 6.64 -30.02 -19.62
CA ALA A 1713 6.20 -28.60 -19.77
C ALA A 1713 7.29 -27.82 -20.51
N TRP A 1714 8.56 -28.07 -20.19
CA TRP A 1714 9.67 -27.32 -20.83
C TRP A 1714 9.71 -27.60 -22.33
N LYS A 1715 9.47 -28.85 -22.74
CA LYS A 1715 9.55 -29.21 -24.18
C LYS A 1715 8.51 -28.38 -24.94
N VAL A 1716 7.30 -28.26 -24.37
CA VAL A 1716 6.21 -27.46 -25.03
C VAL A 1716 6.60 -25.98 -25.06
N PHE A 1717 7.18 -25.46 -23.98
CA PHE A 1717 7.50 -24.00 -23.89
C PHE A 1717 8.81 -23.65 -24.61
N GLN A 1718 9.66 -24.63 -24.90
CA GLN A 1718 11.00 -24.33 -25.47
C GLN A 1718 10.94 -23.66 -26.86
N PRO A 1719 10.11 -24.08 -27.84
CA PRO A 1719 10.16 -23.49 -29.19
C PRO A 1719 9.85 -21.99 -29.28
N LEU A 1720 8.85 -21.50 -28.53
CA LEU A 1720 8.44 -20.07 -28.68
C LEU A 1720 9.56 -19.10 -28.27
N LEU A 1721 10.31 -19.39 -27.21
CA LEU A 1721 11.35 -18.42 -26.75
C LEU A 1721 12.71 -18.71 -27.38
N GLN A 1722 12.82 -19.80 -28.17
CA GLN A 1722 14.11 -20.17 -28.80
C GLN A 1722 14.61 -19.07 -29.76
N PRO A 1723 13.78 -18.44 -30.63
CA PRO A 1723 14.25 -17.33 -31.46
C PRO A 1723 14.68 -16.13 -30.61
N MET A 1724 13.95 -15.83 -29.52
CA MET A 1724 14.23 -14.64 -28.68
C MET A 1724 15.61 -14.73 -28.01
N VAL A 1725 16.01 -15.92 -27.54
CA VAL A 1725 17.29 -16.04 -26.77
C VAL A 1725 18.52 -15.72 -27.62
N THR A 1726 18.54 -16.09 -28.90
CA THR A 1726 19.77 -15.91 -29.73
C THR A 1726 20.19 -14.44 -29.86
N PRO A 1727 19.32 -13.44 -30.14
CA PRO A 1727 19.73 -12.03 -30.15
C PRO A 1727 20.11 -11.55 -28.73
N GLU A 1728 21.01 -10.58 -28.64
CA GLU A 1728 21.50 -10.12 -27.32
C GLU A 1728 20.33 -9.56 -26.50
N THR A 1729 19.43 -8.81 -27.14
CA THR A 1729 18.23 -8.25 -26.44
C THR A 1729 18.69 -7.50 -25.17
N LEU A 1730 19.71 -6.65 -25.29
CA LEU A 1730 20.27 -5.96 -24.10
C LEU A 1730 19.17 -5.11 -23.45
N PRO A 1731 18.99 -5.17 -22.11
CA PRO A 1731 17.99 -4.36 -21.41
C PRO A 1731 18.59 -3.06 -20.87
N MET A 1732 19.83 -2.73 -21.25
CA MET A 1732 20.51 -1.51 -20.73
C MET A 1732 19.71 -0.27 -21.11
N HIS A 1733 19.17 -0.20 -22.34
CA HIS A 1733 18.34 0.94 -22.83
C HIS A 1733 19.25 2.01 -23.47
N PRO A 1734 18.77 2.79 -24.47
CA PRO A 1734 19.56 3.85 -25.07
C PRO A 1734 19.94 5.00 -24.10
N VAL A 1735 19.00 5.45 -23.28
CA VAL A 1735 19.29 6.60 -22.37
C VAL A 1735 20.38 6.21 -21.38
N ARG A 1736 20.29 5.00 -20.82
CA ARG A 1736 21.33 4.51 -19.87
C ARG A 1736 22.66 4.37 -20.62
N GLU A 1737 22.64 3.89 -21.87
CA GLU A 1737 23.87 3.81 -22.68
C GLU A 1737 24.43 5.21 -22.92
N LEU A 1738 23.56 6.20 -23.15
CA LEU A 1738 24.02 7.61 -23.31
C LEU A 1738 24.67 8.07 -21.99
N GLN A 1739 24.09 7.67 -20.85
CA GLN A 1739 24.69 8.02 -19.53
C GLN A 1739 26.06 7.36 -19.40
N GLU A 1740 26.19 6.12 -19.88
CA GLU A 1740 27.50 5.42 -19.81
C GLU A 1740 28.52 6.21 -20.65
N ARG A 1741 28.11 6.66 -21.84
CA ARG A 1741 29.02 7.45 -22.71
C ARG A 1741 29.37 8.78 -22.04
N CYS A 1742 28.37 9.49 -21.50
CA CYS A 1742 28.62 10.82 -20.88
C CYS A 1742 27.56 11.14 -19.81
N GLN A 1743 27.82 10.81 -18.54
CA GLN A 1743 26.88 11.22 -17.46
C GLN A 1743 27.50 12.43 -16.72
N GLN A 1744 28.66 12.91 -17.18
CA GLN A 1744 29.33 14.06 -16.54
C GLN A 1744 28.41 15.28 -16.65
N GLN A 1745 27.77 15.47 -17.81
CA GLN A 1745 26.82 16.59 -17.99
C GLN A 1745 25.52 16.02 -18.58
N ALA A 1746 24.75 15.28 -17.79
CA ALA A 1746 23.51 14.65 -18.28
C ALA A 1746 22.30 15.37 -17.68
N GLU A 1747 21.41 15.88 -18.55
CA GLU A 1747 20.21 16.60 -18.06
C GLU A 1747 18.98 15.94 -18.70
N GLY A 1748 17.93 15.71 -17.91
CA GLY A 1748 16.70 15.07 -18.43
C GLY A 1748 15.51 16.02 -18.38
N LEU A 1749 14.81 16.16 -19.51
CA LEU A 1749 13.65 17.11 -19.59
C LEU A 1749 12.55 16.64 -18.64
N GLU A 1750 11.94 17.57 -17.89
CA GLU A 1750 10.80 17.22 -17.01
C GLU A 1750 9.57 16.94 -17.88
N TYR A 1751 8.75 15.95 -17.49
CA TYR A 1751 7.49 15.65 -18.24
C TYR A 1751 6.54 16.83 -18.06
N LYS A 1752 5.75 17.15 -19.09
CA LYS A 1752 4.88 18.35 -18.98
C LYS A 1752 3.51 17.97 -18.44
N ALA A 1753 3.14 18.45 -17.25
CA ALA A 1753 1.79 18.23 -16.64
C ALA A 1753 1.67 16.83 -16.04
N SER A 1754 0.54 16.54 -15.38
CA SER A 1754 0.29 15.19 -14.84
C SER A 1754 0.16 14.20 -16.00
N ARG A 1755 -0.47 14.63 -17.09
CA ARG A 1755 -0.66 13.76 -18.28
C ARG A 1755 0.64 13.65 -19.07
N SER A 1756 0.71 12.75 -20.05
CA SER A 1756 1.96 12.55 -20.82
C SER A 1756 2.39 13.86 -21.48
N GLY A 1757 3.70 14.16 -21.42
CA GLY A 1757 4.22 15.39 -22.05
C GLY A 1757 4.04 15.36 -23.55
N ASN A 1758 3.74 16.51 -24.16
CA ASN A 1758 3.47 16.56 -25.62
C ASN A 1758 4.73 16.15 -26.39
N THR A 1759 5.90 16.62 -25.96
CA THR A 1759 7.18 16.23 -26.63
C THR A 1759 8.23 15.87 -25.58
N ALA A 1760 9.16 14.97 -25.93
CA ALA A 1760 10.26 14.61 -25.01
C ALA A 1760 11.58 14.98 -25.67
N THR A 1761 12.46 15.69 -24.94
CA THR A 1761 13.74 16.16 -25.54
C THR A 1761 14.92 15.69 -24.69
N VAL A 1762 16.09 15.50 -25.30
CA VAL A 1762 17.31 15.11 -24.53
C VAL A 1762 18.09 16.39 -24.24
N GLU A 1763 18.29 16.71 -22.96
CA GLU A 1763 18.99 17.97 -22.59
C GLU A 1763 20.48 17.71 -22.36
N VAL A 1764 20.93 16.47 -22.57
CA VAL A 1764 22.36 16.12 -22.32
C VAL A 1764 23.25 16.95 -23.25
N PHE A 1765 24.37 17.49 -22.75
CA PHE A 1765 25.23 18.39 -23.55
C PHE A 1765 26.07 17.62 -24.58
N ILE A 1766 26.61 18.31 -25.60
CA ILE A 1766 27.49 17.71 -26.65
C ILE A 1766 26.69 16.86 -27.67
N ASP A 1767 25.91 15.87 -27.22
CA ASP A 1767 25.05 15.11 -28.16
C ASP A 1767 24.02 16.07 -28.77
N GLY A 1768 23.50 17.00 -27.96
CA GLY A 1768 22.54 18.01 -28.48
C GLY A 1768 21.12 17.71 -28.05
N VAL A 1769 20.15 18.45 -28.61
CA VAL A 1769 18.72 18.26 -28.23
C VAL A 1769 17.98 17.55 -29.36
N GLN A 1770 17.30 16.45 -29.05
CA GLN A 1770 16.58 15.66 -30.08
C GLN A 1770 15.15 15.38 -29.59
N VAL A 1771 14.21 15.19 -30.51
CA VAL A 1771 12.79 15.00 -30.11
C VAL A 1771 12.38 13.54 -30.35
N GLY A 1772 11.81 12.89 -29.34
CA GLY A 1772 11.32 11.50 -29.48
C GLY A 1772 9.84 11.41 -29.15
N VAL A 1773 9.08 10.63 -29.93
CA VAL A 1773 7.61 10.57 -29.71
C VAL A 1773 7.20 9.16 -29.23
N ALA A 1774 6.43 9.08 -28.15
CA ALA A 1774 5.96 7.78 -27.60
C ALA A 1774 4.67 8.02 -26.80
N GLN A 1775 4.01 6.96 -26.36
CA GLN A 1775 2.70 7.12 -25.66
C GLN A 1775 2.90 7.98 -24.42
N ASN A 1776 3.95 7.73 -23.63
CA ASN A 1776 4.25 8.60 -22.46
C ASN A 1776 5.76 8.76 -22.28
N PRO A 1777 6.28 9.93 -21.84
CA PRO A 1777 7.70 10.09 -21.55
C PRO A 1777 8.03 9.60 -20.13
N GLN A 1778 7.00 9.28 -19.33
CA GLN A 1778 7.23 8.75 -17.96
C GLN A 1778 7.96 7.41 -18.06
N LYS A 1779 7.57 6.56 -19.00
CA LYS A 1779 8.30 5.27 -19.24
C LYS A 1779 9.68 5.62 -19.80
N LYS A 1780 9.82 6.80 -20.44
CA LYS A 1780 11.10 7.27 -21.02
C LYS A 1780 11.35 6.62 -22.38
N MET A 1781 10.33 5.94 -22.94
CA MET A 1781 10.47 5.37 -24.30
C MET A 1781 10.67 6.54 -25.28
N ALA A 1782 9.95 7.65 -25.08
CA ALA A 1782 10.13 8.84 -25.94
C ALA A 1782 11.56 9.37 -25.77
N GLN A 1783 12.06 9.40 -24.52
CA GLN A 1783 13.46 9.83 -24.26
C GLN A 1783 14.43 8.85 -24.93
N LYS A 1784 14.10 7.55 -24.91
CA LYS A 1784 14.97 6.52 -25.55
C LYS A 1784 15.03 6.77 -27.06
N LEU A 1785 13.90 7.12 -27.67
CA LEU A 1785 13.90 7.45 -29.13
C LEU A 1785 14.77 8.68 -29.37
N ALA A 1786 14.66 9.69 -28.50
CA ALA A 1786 15.51 10.89 -28.62
C ALA A 1786 16.99 10.51 -28.43
N ALA A 1787 17.28 9.60 -27.49
CA ALA A 1787 18.66 9.12 -27.26
C ALA A 1787 19.17 8.40 -28.52
N ARG A 1788 18.31 7.61 -29.18
CA ARG A 1788 18.70 6.93 -30.44
C ARG A 1788 19.01 8.00 -31.50
N ASN A 1789 18.21 9.07 -31.54
CA ASN A 1789 18.47 10.20 -32.48
C ASN A 1789 19.82 10.83 -32.12
N ALA A 1790 20.11 10.96 -30.83
CA ALA A 1790 21.42 11.52 -30.38
C ALA A 1790 22.55 10.63 -30.87
N LEU A 1791 22.38 9.31 -30.80
CA LEU A 1791 23.43 8.36 -31.30
C LEU A 1791 23.65 8.58 -32.80
N ALA A 1792 22.56 8.78 -33.56
CA ALA A 1792 22.69 9.07 -35.01
C ALA A 1792 23.45 10.39 -35.21
N ALA A 1793 23.15 11.39 -34.40
CA ALA A 1793 23.84 12.71 -34.49
C ALA A 1793 25.33 12.52 -34.19
N LEU A 1794 25.66 11.71 -33.18
CA LEU A 1794 27.08 11.44 -32.83
C LEU A 1794 27.73 10.60 -33.93
#